data_4GTV
#
_entry.id   4GTV
#
_cell.length_a   66.625
_cell.length_b   90.741
_cell.length_c   115.539
_cell.angle_alpha   90.00
_cell.angle_beta   90.00
_cell.angle_gamma   90.00
#
_symmetry.space_group_name_H-M   'P 21 21 21'
#
loop_
_entity.id
_entity.type
_entity.pdbx_description
1 polymer 'Geranylgeranyl transferase type-2 subunit alpha'
2 polymer 'Geranylgeranyl transferase type-2 subunit beta'
3 non-polymer 'ZINC ION'
4 non-polymer 'CALCIUM ION'
5 non-polymer '4-({(3R)-7-cyano-4-[(4-methoxyphenyl)sulfonyl]-1-[(1-methyl-1H-imidazol-5-yl)methyl]-2,3,4,5-tetrahydro-1H-1,4-benzodiazepin-3-yl}methyl)phenyl diethylcarbamate'
6 water water
#
loop_
_entity_poly.entity_id
_entity_poly.type
_entity_poly.pdbx_seq_one_letter_code
_entity_poly.pdbx_strand_id
1 'polypeptide(L)'
;MHGRLKVKTSEEQAEAKRLEREQKLKLYQSATQAVFQKRQAGELDESVLELTSQILGANPDFATLWNCRREVLQHLETEK
SPEESAALVKAELGFLESCLRVNPKSYGTWHHRCWLLSRLPEPNWARELELCARFLEADERNFHCWDYRRFVAAQAAVAP
AEELAFTDSLITRNFSNYSSWHYRSCLLPQLHPQPDSGPQGRLPENVLLKELELVQNAFFTDPNDQSAWFYHRWLLGAGS
GRCELSVEKSTVLQSELESCKELQELEPENKWCLLTIILLMRALDPLLYEKETLQYFSTLKAVDPMRAAYLDDLRSKFLL
ENSVLKMEYA
;
A
2 'polypeptide(L)'
;GTQQKDVTIKSDAPDTLLLEKHADYIASYGSKKDDYEYCMSEYLRMSGVYWGLTVMDLMGQLHRMNKEEILVFIKSCQHE
CGGVSASIGHDPHLLYTLSAVQILTLYDSIHVINVDKVVAYVQSLQKEDGSFAGDIWGEIDTRFSFCAVATLALLGKLDA
INVEKAIEFVLSCMNFDGGFGCRPGSESHAGQIYCCTGFLAITSQLHQVNSDLLGWWLCERQLPSGGLNGRPEKLPDVCY
SWWVLASLKIIGRLHWIDREKLRSFILACQDEETGGFADRPGDMVDPFHTLFGIAGLSLLGEEQIKPVSPVFCMPEEVLQ
RVNVQPELVS
;
B
#
loop_
_chem_comp.id
_chem_comp.type
_chem_comp.name
_chem_comp.formula
7TR non-polymer '4-({(3R)-7-cyano-4-[(4-methoxyphenyl)sulfonyl]-1-[(1-methyl-1H-imidazol-5-yl)methyl]-2,3,4,5-tetrahydro-1H-1,4-benzodiazepin-3-yl}methyl)phenyl diethylcarbamate' 'C34 H38 N6 O5 S'
CA non-polymer 'CALCIUM ION' 'Ca 2'
ZN non-polymer 'ZINC ION' 'Zn 2'
#
# COMPACT_ATOMS: atom_id res chain seq x y z
N ALA A 16 -12.15 12.93 -34.21
CA ALA A 16 -11.24 14.01 -33.74
C ALA A 16 -10.59 13.64 -32.40
N LYS A 17 -11.42 13.30 -31.41
CA LYS A 17 -10.95 12.96 -30.07
C LYS A 17 -10.16 11.65 -30.07
N ARG A 18 -10.75 10.62 -30.68
CA ARG A 18 -10.09 9.32 -30.82
C ARG A 18 -8.97 9.39 -31.85
N LEU A 19 -9.09 10.30 -32.81
CA LEU A 19 -8.08 10.52 -33.83
C LEU A 19 -6.82 11.19 -33.24
N GLU A 20 -7.03 12.19 -32.38
CA GLU A 20 -5.93 12.92 -31.73
C GLU A 20 -5.12 12.05 -30.78
N ARG A 21 -5.73 10.99 -30.24
CA ARG A 21 -5.03 10.05 -29.36
C ARG A 21 -4.22 9.02 -30.15
N GLU A 22 -4.27 9.11 -31.48
CA GLU A 22 -3.30 8.46 -32.35
C GLU A 22 -2.15 9.42 -32.66
N GLN A 23 -2.47 10.71 -32.78
CA GLN A 23 -1.47 11.77 -32.97
C GLN A 23 -0.56 11.87 -31.76
N LYS A 24 -1.16 11.82 -30.57
CA LYS A 24 -0.41 11.75 -29.31
C LYS A 24 0.50 10.53 -29.27
N LEU A 25 -0.08 9.37 -29.59
CA LEU A 25 0.63 8.09 -29.53
C LEU A 25 1.94 8.14 -30.32
N LYS A 26 1.88 8.70 -31.53
CA LYS A 26 3.01 8.69 -32.44
C LYS A 26 4.11 9.68 -32.03
N LEU A 27 3.71 10.83 -31.47
CA LEU A 27 4.67 11.80 -30.96
C LEU A 27 5.42 11.23 -29.74
N TYR A 28 4.67 10.67 -28.80
CA TYR A 28 5.28 9.98 -27.65
CA TYR A 28 5.23 9.94 -27.65
C TYR A 28 6.21 8.87 -28.14
N GLN A 29 5.70 8.06 -29.07
CA GLN A 29 6.47 6.96 -29.68
C GLN A 29 7.78 7.45 -30.30
N SER A 30 7.69 8.50 -31.13
CA SER A 30 8.85 9.07 -31.79
CA SER A 30 8.85 9.06 -31.79
C SER A 30 9.80 9.74 -30.80
N ALA A 31 9.24 10.43 -29.80
CA ALA A 31 10.05 11.07 -28.77
C ALA A 31 10.82 10.02 -27.98
N THR A 32 10.11 8.98 -27.55
CA THR A 32 10.71 7.87 -26.80
C THR A 32 11.81 7.19 -27.62
N GLN A 33 11.52 6.88 -28.88
CA GLN A 33 12.52 6.37 -29.83
C GLN A 33 13.77 7.23 -29.79
N ALA A 34 13.57 8.54 -29.88
CA ALA A 34 14.67 9.50 -29.95
C ALA A 34 15.51 9.48 -28.68
N VAL A 35 14.88 9.46 -27.51
CA VAL A 35 15.60 9.42 -26.24
C VAL A 35 16.51 8.20 -26.17
N PHE A 36 15.97 7.03 -26.51
CA PHE A 36 16.75 5.79 -26.42
C PHE A 36 17.93 5.76 -27.39
N GLN A 37 17.71 6.18 -28.63
CA GLN A 37 18.81 6.31 -29.60
C GLN A 37 19.92 7.22 -29.05
N LYS A 38 19.54 8.40 -28.54
CA LYS A 38 20.52 9.31 -27.97
C LYS A 38 21.27 8.68 -26.80
N ARG A 39 20.55 7.94 -25.97
CA ARG A 39 21.14 7.31 -24.80
C ARG A 39 22.17 6.25 -25.16
N GLN A 40 21.85 5.39 -26.12
CA GLN A 40 22.80 4.40 -26.62
C GLN A 40 24.01 5.09 -27.26
N ALA A 41 23.75 6.18 -27.98
CA ALA A 41 24.81 6.98 -28.61
C ALA A 41 25.68 7.76 -27.62
N GLY A 42 25.29 7.78 -26.34
CA GLY A 42 26.05 8.52 -25.33
C GLY A 42 25.82 10.02 -25.39
N GLU A 43 24.71 10.45 -25.99
CA GLU A 43 24.39 11.87 -26.12
C GLU A 43 23.62 12.36 -24.88
N LEU A 44 24.37 12.56 -23.80
CA LEU A 44 23.80 13.05 -22.54
C LEU A 44 23.74 14.57 -22.56
N ASP A 45 22.74 15.12 -23.25
CA ASP A 45 22.64 16.57 -23.38
C ASP A 45 21.20 17.08 -23.16
N GLU A 46 21.02 18.39 -23.29
CA GLU A 46 19.75 19.06 -23.01
C GLU A 46 18.61 18.70 -23.97
N SER A 47 18.94 18.16 -25.13
CA SER A 47 17.90 17.67 -26.03
C SER A 47 17.09 16.52 -25.39
N VAL A 48 17.75 15.73 -24.55
CA VAL A 48 17.08 14.61 -23.85
C VAL A 48 16.11 15.13 -22.79
N LEU A 49 16.52 16.16 -22.06
CA LEU A 49 15.63 16.87 -21.14
C LEU A 49 14.40 17.41 -21.86
N GLU A 50 14.59 17.91 -23.08
CA GLU A 50 13.49 18.43 -23.89
C GLU A 50 12.54 17.30 -24.27
N LEU A 51 13.08 16.21 -24.78
CA LEU A 51 12.28 15.07 -25.22
C LEU A 51 11.50 14.42 -24.08
N THR A 52 12.16 14.24 -22.94
CA THR A 52 11.50 13.58 -21.79
C THR A 52 10.43 14.45 -21.13
N SER A 53 10.58 15.77 -21.19
CA SER A 53 9.58 16.67 -20.60
C SER A 53 8.24 16.52 -21.33
N GLN A 54 8.31 16.26 -22.63
CA GLN A 54 7.13 16.04 -23.46
C GLN A 54 6.43 14.70 -23.20
N ILE A 55 7.12 13.78 -22.53
CA ILE A 55 6.58 12.45 -22.26
C ILE A 55 6.21 12.27 -20.79
N LEU A 56 7.08 12.74 -19.89
CA LEU A 56 6.88 12.52 -18.45
C LEU A 56 5.68 13.28 -17.85
N GLY A 57 5.28 14.38 -18.47
CA GLY A 57 4.10 15.13 -18.03
C GLY A 57 2.81 14.32 -18.10
N ALA A 58 2.67 13.55 -19.17
CA ALA A 58 1.51 12.67 -19.38
C ALA A 58 1.74 11.26 -18.83
N ASN A 59 3.00 10.85 -18.75
CA ASN A 59 3.38 9.48 -18.41
C ASN A 59 4.43 9.42 -17.29
N PRO A 60 4.10 9.94 -16.10
CA PRO A 60 5.06 10.08 -15.00
C PRO A 60 5.56 8.74 -14.40
N ASP A 61 4.89 7.64 -14.70
CA ASP A 61 5.32 6.35 -14.16
C ASP A 61 6.34 5.63 -15.07
N PHE A 62 6.73 6.27 -16.18
CA PHE A 62 7.78 5.77 -17.07
C PHE A 62 9.16 5.97 -16.40
N ALA A 63 9.47 5.07 -15.46
CA ALA A 63 10.65 5.18 -14.60
C ALA A 63 11.97 5.37 -15.35
N THR A 64 12.16 4.64 -16.44
CA THR A 64 13.42 4.73 -17.18
C THR A 64 13.71 6.15 -17.70
N LEU A 65 12.69 6.88 -18.10
CA LEU A 65 12.88 8.29 -18.51
C LEU A 65 13.31 9.20 -17.34
N TRP A 66 12.85 8.92 -16.11
CA TRP A 66 13.36 9.67 -14.95
C TRP A 66 14.83 9.36 -14.75
N ASN A 67 15.21 8.09 -14.95
CA ASN A 67 16.61 7.67 -14.86
C ASN A 67 17.45 8.43 -15.90
N CYS A 68 16.93 8.55 -17.12
CA CYS A 68 17.60 9.33 -18.18
C CYS A 68 17.85 10.79 -17.79
N ARG A 69 16.87 11.44 -17.18
CA ARG A 69 17.03 12.84 -16.75
C ARG A 69 18.13 12.97 -15.71
N ARG A 70 18.13 12.06 -14.73
CA ARG A 70 19.19 12.05 -13.71
C ARG A 70 20.59 11.84 -14.32
N GLU A 71 20.71 10.94 -15.30
CA GLU A 71 21.98 10.71 -15.99
C GLU A 71 22.45 11.96 -16.75
N VAL A 72 21.50 12.65 -17.38
CA VAL A 72 21.80 13.90 -18.07
C VAL A 72 22.24 14.98 -17.08
N LEU A 73 21.46 15.17 -16.02
CA LEU A 73 21.80 16.17 -15.00
C LEU A 73 23.15 15.90 -14.34
N GLN A 74 23.44 14.62 -14.08
CA GLN A 74 24.74 14.25 -13.52
C GLN A 74 25.90 14.57 -14.46
N HIS A 75 25.72 14.27 -15.75
CA HIS A 75 26.75 14.55 -16.76
C HIS A 75 26.97 16.04 -16.98
N LEU A 76 25.88 16.79 -17.06
CA LEU A 76 25.96 18.24 -17.29
C LEU A 76 26.62 18.98 -16.12
N GLU A 77 26.37 18.51 -14.90
CA GLU A 77 27.06 19.00 -13.69
C GLU A 77 28.60 18.91 -13.81
N THR A 78 29.10 17.97 -14.60
CA THR A 78 30.54 17.81 -14.79
C THR A 78 31.10 18.81 -15.80
N GLU A 79 30.35 19.07 -16.87
CA GLU A 79 30.82 19.92 -17.98
C GLU A 79 30.13 21.28 -18.08
N LYS A 80 29.58 21.78 -16.97
CA LYS A 80 28.95 23.10 -16.95
C LYS A 80 29.45 23.91 -15.78
N SER A 81 29.30 25.23 -15.89
CA SER A 81 29.72 26.15 -14.84
C SER A 81 28.73 26.05 -13.66
N PRO A 82 29.20 26.24 -12.41
CA PRO A 82 28.30 26.36 -11.25
C PRO A 82 27.04 27.21 -11.46
N GLU A 83 27.15 28.32 -12.18
CA GLU A 83 26.01 29.17 -12.51
C GLU A 83 25.06 28.48 -13.51
N GLU A 84 25.63 27.74 -14.45
CA GLU A 84 24.83 26.95 -15.40
C GLU A 84 24.14 25.74 -14.73
N SER A 85 24.85 25.10 -13.79
CA SER A 85 24.28 24.01 -12.99
C SER A 85 23.13 24.48 -12.10
N ALA A 86 23.28 25.69 -11.55
CA ALA A 86 22.26 26.29 -10.71
C ALA A 86 20.98 26.61 -11.50
N ALA A 87 21.15 27.07 -12.73
CA ALA A 87 20.02 27.32 -13.63
C ALA A 87 19.28 26.03 -14.00
N LEU A 88 20.05 24.97 -14.26
CA LEU A 88 19.47 23.66 -14.60
C LEU A 88 18.65 23.10 -13.46
N VAL A 89 19.14 23.26 -12.23
CA VAL A 89 18.42 22.83 -11.03
C VAL A 89 17.10 23.57 -10.85
N LYS A 90 17.13 24.89 -10.98
CA LYS A 90 15.91 25.69 -10.89
C LYS A 90 14.87 25.31 -11.96
N ALA A 91 15.33 25.03 -13.17
CA ALA A 91 14.44 24.56 -14.23
C ALA A 91 13.83 23.21 -13.84
N GLU A 92 14.64 22.36 -13.21
CA GLU A 92 14.17 21.03 -12.82
C GLU A 92 13.11 21.11 -11.73
N LEU A 93 13.30 22.00 -10.77
CA LEU A 93 12.32 22.22 -9.69
C LEU A 93 10.96 22.66 -10.23
N GLY A 94 10.98 23.55 -11.23
CA GLY A 94 9.76 24.03 -11.86
C GLY A 94 9.09 22.97 -12.73
N PHE A 95 9.88 22.21 -13.47
CA PHE A 95 9.35 21.07 -14.23
C PHE A 95 8.65 20.07 -13.28
N LEU A 96 9.32 19.72 -12.19
CA LEU A 96 8.74 18.81 -11.19
C LEU A 96 7.45 19.33 -10.58
N GLU A 97 7.41 20.62 -10.24
CA GLU A 97 6.19 21.22 -9.67
C GLU A 97 5.04 21.14 -10.67
N SER A 98 5.33 21.37 -11.94
CA SER A 98 4.30 21.31 -12.98
CA SER A 98 4.31 21.31 -12.99
C SER A 98 3.79 19.88 -13.16
N CYS A 99 4.69 18.91 -13.05
CA CYS A 99 4.33 17.49 -13.15
C CYS A 99 3.45 17.07 -11.99
N LEU A 100 3.80 17.53 -10.78
CA LEU A 100 3.04 17.21 -9.58
C LEU A 100 1.63 17.80 -9.58
N ARG A 101 1.48 18.99 -10.15
CA ARG A 101 0.15 19.59 -10.32
C ARG A 101 -0.77 18.72 -11.17
N VAL A 102 -0.21 18.10 -12.20
CA VAL A 102 -0.99 17.25 -13.12
C VAL A 102 -1.26 15.88 -12.50
N ASN A 103 -0.24 15.26 -11.91
CA ASN A 103 -0.40 13.99 -11.21
C ASN A 103 0.35 13.96 -9.88
N PRO A 104 -0.34 14.32 -8.78
CA PRO A 104 0.29 14.37 -7.47
C PRO A 104 0.44 13.02 -6.79
N LYS A 105 0.08 11.93 -7.47
CA LYS A 105 0.14 10.60 -6.88
C LYS A 105 1.11 9.65 -7.59
N SER A 106 2.14 10.16 -8.25
CA SER A 106 3.12 9.30 -8.93
C SER A 106 4.35 9.10 -8.05
N TYR A 107 4.65 7.85 -7.72
CA TYR A 107 5.86 7.51 -6.98
C TYR A 107 7.10 8.13 -7.64
N GLY A 108 7.19 8.00 -8.96
CA GLY A 108 8.41 8.39 -9.69
C GLY A 108 8.73 9.87 -9.63
N THR A 109 7.70 10.71 -9.64
CA THR A 109 7.87 12.16 -9.60
C THR A 109 8.36 12.62 -8.24
N TRP A 110 7.74 12.09 -7.18
CA TRP A 110 8.15 12.43 -5.82
C TRP A 110 9.56 11.93 -5.53
N HIS A 111 9.91 10.74 -6.03
CA HIS A 111 11.26 10.23 -5.83
C HIS A 111 12.31 11.11 -6.52
N HIS A 112 12.03 11.53 -7.74
CA HIS A 112 12.97 12.42 -8.45
C HIS A 112 13.20 13.72 -7.69
N ARG A 113 12.15 14.25 -7.07
CA ARG A 113 12.32 15.47 -6.28
C ARG A 113 13.22 15.21 -5.05
N CYS A 114 13.01 14.08 -4.38
CA CYS A 114 13.86 13.70 -3.24
CA CYS A 114 13.87 13.68 -3.24
C CYS A 114 15.30 13.53 -3.68
N TRP A 115 15.51 12.82 -4.80
CA TRP A 115 16.85 12.65 -5.37
C TRP A 115 17.50 14.01 -5.63
N LEU A 116 16.75 14.92 -6.24
CA LEU A 116 17.25 16.24 -6.60
C LEU A 116 17.65 17.06 -5.37
N LEU A 117 16.74 17.17 -4.40
CA LEU A 117 16.98 17.97 -3.20
C LEU A 117 18.11 17.43 -2.32
N SER A 118 18.28 16.11 -2.31
CA SER A 118 19.31 15.46 -1.48
CA SER A 118 19.31 15.48 -1.47
C SER A 118 20.74 15.78 -1.95
N ARG A 119 20.90 16.15 -3.21
CA ARG A 119 22.24 16.43 -3.75
C ARG A 119 22.59 17.92 -3.95
N LEU A 120 21.61 18.80 -3.73
CA LEU A 120 21.84 20.25 -3.81
C LEU A 120 22.81 20.77 -2.74
N PRO A 121 23.60 21.76 -3.09
CA PRO A 121 24.53 22.38 -2.14
C PRO A 121 23.79 23.19 -1.09
N GLU A 122 22.92 24.09 -1.52
CA GLU A 122 22.15 24.90 -0.63
C GLU A 122 20.67 24.70 -0.87
N PRO A 123 20.10 23.62 -0.36
CA PRO A 123 18.69 23.37 -0.56
C PRO A 123 17.88 24.34 0.27
N ASN A 124 16.80 24.84 -0.30
CA ASN A 124 15.86 25.69 0.43
C ASN A 124 14.74 24.82 1.04
N TRP A 125 14.97 24.30 2.24
CA TRP A 125 14.01 23.39 2.89
C TRP A 125 12.71 24.10 3.34
N ALA A 126 12.79 25.36 3.72
CA ALA A 126 11.59 26.11 4.09
C ALA A 126 10.63 26.18 2.90
N ARG A 127 11.18 26.38 1.71
CA ARG A 127 10.40 26.42 0.48
C ARG A 127 9.73 25.07 0.21
N GLU A 128 10.45 23.99 0.50
CA GLU A 128 9.91 22.64 0.32
C GLU A 128 8.78 22.33 1.31
N LEU A 129 8.92 22.77 2.56
CA LEU A 129 7.85 22.59 3.55
C LEU A 129 6.59 23.37 3.16
N GLU A 130 6.78 24.53 2.53
CA GLU A 130 5.65 25.35 2.10
C GLU A 130 4.93 24.68 0.93
N LEU A 131 5.70 24.09 0.03
CA LEU A 131 5.13 23.31 -1.06
C LEU A 131 4.28 22.17 -0.51
N CYS A 132 4.78 21.49 0.51
CA CYS A 132 4.00 20.43 1.17
C CYS A 132 2.70 20.93 1.76
N ALA A 133 2.76 22.04 2.50
CA ALA A 133 1.56 22.66 3.07
C ALA A 133 0.53 22.95 1.99
N ARG A 134 1.00 23.46 0.85
CA ARG A 134 0.13 23.76 -0.29
C ARG A 134 -0.55 22.52 -0.85
N PHE A 135 0.24 21.47 -1.08
CA PHE A 135 -0.30 20.23 -1.64
C PHE A 135 -1.25 19.57 -0.65
N LEU A 136 -0.96 19.67 0.65
CA LEU A 136 -1.84 19.11 1.68
C LEU A 136 -3.13 19.92 1.89
N GLU A 137 -3.10 21.20 1.56
CA GLU A 137 -4.33 22.00 1.48
C GLU A 137 -5.27 21.47 0.39
N ALA A 138 -4.69 21.02 -0.71
CA ALA A 138 -5.46 20.47 -1.83
C ALA A 138 -5.92 19.02 -1.58
N ASP A 139 -5.06 18.19 -0.99
CA ASP A 139 -5.44 16.80 -0.62
C ASP A 139 -4.76 16.44 0.69
N GLU A 140 -5.51 16.54 1.79
CA GLU A 140 -4.94 16.33 3.12
C GLU A 140 -4.63 14.86 3.39
N ARG A 141 -5.00 13.98 2.47
CA ARG A 141 -4.71 12.55 2.59
C ARG A 141 -3.60 12.06 1.64
N ASN A 142 -2.95 12.94 0.89
CA ASN A 142 -1.91 12.50 -0.06
C ASN A 142 -0.69 11.96 0.68
N PHE A 143 -0.53 10.63 0.68
CA PHE A 143 0.51 9.99 1.48
C PHE A 143 1.91 10.24 0.91
N HIS A 144 2.00 10.41 -0.40
CA HIS A 144 3.27 10.74 -1.03
C HIS A 144 3.78 12.08 -0.47
N CYS A 145 2.88 13.07 -0.41
CA CYS A 145 3.22 14.39 0.13
C CYS A 145 3.57 14.34 1.63
N TRP A 146 2.78 13.63 2.44
CA TRP A 146 3.13 13.43 3.86
C TRP A 146 4.51 12.77 4.03
N ASP A 147 4.76 11.73 3.25
CA ASP A 147 6.09 11.09 3.21
C ASP A 147 7.20 12.07 2.83
N TYR A 148 6.95 12.88 1.78
CA TYR A 148 7.91 13.91 1.39
C TYR A 148 8.15 14.92 2.51
N ARG A 149 7.09 15.34 3.19
CA ARG A 149 7.21 16.28 4.30
C ARG A 149 8.06 15.70 5.42
N ARG A 150 7.91 14.41 5.72
CA ARG A 150 8.74 13.76 6.76
C ARG A 150 10.23 13.74 6.35
N PHE A 151 10.48 13.42 5.08
CA PHE A 151 11.82 13.54 4.48
C PHE A 151 12.41 14.94 4.68
N VAL A 152 11.67 15.97 4.27
CA VAL A 152 12.13 17.34 4.43
C VAL A 152 12.35 17.67 5.91
N ALA A 153 11.42 17.25 6.77
CA ALA A 153 11.52 17.53 8.21
C ALA A 153 12.82 16.96 8.81
N ALA A 154 13.17 15.73 8.44
CA ALA A 154 14.40 15.11 8.90
C ALA A 154 15.61 15.89 8.37
N GLN A 155 15.65 16.13 7.06
CA GLN A 155 16.79 16.81 6.42
C GLN A 155 17.10 18.18 7.03
N ALA A 156 16.06 18.91 7.42
CA ALA A 156 16.20 20.26 7.97
C ALA A 156 16.21 20.29 9.50
N ALA A 157 16.28 19.12 10.15
CA ALA A 157 16.21 19.03 11.60
C ALA A 157 15.06 19.85 12.19
N VAL A 158 13.87 19.68 11.62
CA VAL A 158 12.67 20.29 12.19
C VAL A 158 12.27 19.41 13.39
N ALA A 159 12.04 20.06 14.54
CA ALA A 159 11.80 19.33 15.79
C ALA A 159 10.34 18.87 15.90
N PRO A 160 10.11 17.72 16.59
CA PRO A 160 8.77 17.13 16.74
C PRO A 160 7.67 18.10 17.16
N ALA A 161 7.98 19.00 18.10
CA ALA A 161 6.99 19.95 18.61
C ALA A 161 6.48 20.89 17.51
N GLU A 162 7.36 21.20 16.56
CA GLU A 162 6.99 22.05 15.44
C GLU A 162 5.99 21.32 14.53
N GLU A 163 6.28 20.07 14.21
CA GLU A 163 5.39 19.25 13.39
C GLU A 163 4.08 18.94 14.11
N LEU A 164 4.14 18.79 15.42
CA LEU A 164 2.94 18.59 16.24
C LEU A 164 1.99 19.79 16.13
N ALA A 165 2.54 21.00 16.14
CA ALA A 165 1.76 22.23 15.93
C ALA A 165 1.06 22.22 14.57
N PHE A 166 1.75 21.75 13.53
CA PHE A 166 1.19 21.66 12.19
C PHE A 166 -0.03 20.73 12.15
N THR A 167 0.06 19.58 12.83
CA THR A 167 -1.04 18.60 12.82
C THR A 167 -2.29 19.14 13.48
N ASP A 168 -2.11 19.92 14.55
CA ASP A 168 -3.24 20.45 15.31
C ASP A 168 -4.10 21.41 14.49
N SER A 169 -3.45 22.29 13.72
CA SER A 169 -4.17 23.22 12.88
C SER A 169 -4.94 22.48 11.77
N LEU A 170 -4.35 21.42 11.24
CA LEU A 170 -5.01 20.63 10.20
C LEU A 170 -6.22 19.86 10.72
N ILE A 171 -6.15 19.39 11.96
CA ILE A 171 -7.21 18.54 12.53
C ILE A 171 -8.49 19.34 12.84
N THR A 172 -8.33 20.57 13.30
CA THR A 172 -9.49 21.40 13.71
C THR A 172 -10.16 22.20 12.56
N ARG A 173 -9.40 22.55 11.52
CA ARG A 173 -9.92 23.38 10.41
C ARG A 173 -10.91 22.67 9.46
N ASN A 174 -10.76 21.35 9.31
CA ASN A 174 -11.68 20.53 8.52
C ASN A 174 -11.51 19.02 8.82
N PHE A 175 -12.27 18.16 8.14
CA PHE A 175 -12.18 16.71 8.32
C PHE A 175 -11.04 16.09 7.50
N SER A 176 -11.22 14.84 7.05
CA SER A 176 -10.16 14.06 6.37
C SER A 176 -8.86 13.99 7.20
N ASN A 177 -9.01 13.51 8.44
CA ASN A 177 -7.98 13.62 9.46
C ASN A 177 -7.14 12.36 9.73
N TYR A 178 -7.41 11.23 9.06
CA TYR A 178 -6.67 10.01 9.41
C TYR A 178 -5.17 10.21 9.28
N SER A 179 -4.74 10.86 8.19
CA SER A 179 -3.33 11.10 7.95
C SER A 179 -2.71 12.00 9.02
N SER A 180 -3.46 13.01 9.45
CA SER A 180 -2.98 13.93 10.49
CA SER A 180 -3.00 13.93 10.50
C SER A 180 -2.88 13.24 11.87
N TRP A 181 -3.91 12.49 12.25
CA TRP A 181 -3.88 11.73 13.50
C TRP A 181 -2.74 10.71 13.49
N HIS A 182 -2.53 10.04 12.35
CA HIS A 182 -1.41 9.11 12.26
C HIS A 182 -0.08 9.81 12.52
N TYR A 183 0.10 10.97 11.91
CA TYR A 183 1.33 11.75 12.11
C TYR A 183 1.52 12.07 13.58
N ARG A 184 0.45 12.49 14.27
CA ARG A 184 0.48 12.73 15.72
C ARG A 184 0.93 11.51 16.53
N SER A 185 0.42 10.34 16.18
CA SER A 185 0.79 9.11 16.91
C SER A 185 2.29 8.83 16.83
N CYS A 186 2.94 9.25 15.73
CA CYS A 186 4.38 9.07 15.56
C CYS A 186 5.20 10.18 16.22
N LEU A 187 4.66 11.38 16.28
CA LEU A 187 5.35 12.54 16.87
C LEU A 187 5.29 12.57 18.40
N LEU A 188 4.14 12.24 18.99
CA LEU A 188 3.99 12.27 20.44
C LEU A 188 5.05 11.44 21.19
N PRO A 189 5.23 10.16 20.82
CA PRO A 189 6.30 9.36 21.41
C PRO A 189 7.72 9.95 21.30
N GLN A 190 7.96 10.83 20.33
CA GLN A 190 9.27 11.47 20.17
C GLN A 190 9.50 12.61 21.15
N LEU A 191 8.43 13.26 21.59
CA LEU A 191 8.51 14.28 22.62
C LEU A 191 8.69 13.65 24.00
N HIS A 192 8.43 12.35 24.11
CA HIS A 192 8.58 11.63 25.37
C HIS A 192 9.29 10.30 25.10
N PRO A 193 10.54 10.36 24.62
CA PRO A 193 11.22 9.18 24.10
C PRO A 193 11.64 8.20 25.21
N GLN A 194 10.89 7.10 25.32
CA GLN A 194 11.16 6.08 26.32
C GLN A 194 11.78 4.84 25.66
N PRO A 195 12.94 4.38 26.17
CA PRO A 195 13.67 3.20 25.65
C PRO A 195 12.78 2.00 25.32
N ARG A 202 3.64 3.20 26.02
CA ARG A 202 2.78 3.98 26.90
C ARG A 202 3.27 5.44 27.08
N LEU A 203 2.44 6.41 26.67
CA LEU A 203 2.67 7.83 26.94
C LEU A 203 2.59 8.15 28.44
N PRO A 204 3.25 9.23 28.88
CA PRO A 204 3.04 9.75 30.24
C PRO A 204 1.58 10.14 30.45
N GLU A 205 1.05 9.96 31.66
CA GLU A 205 -0.38 10.14 31.90
C GLU A 205 -0.89 11.54 31.61
N ASN A 206 -0.13 12.59 31.96
CA ASN A 206 -0.58 13.96 31.67
C ASN A 206 -0.73 14.21 30.16
N VAL A 207 0.19 13.65 29.37
CA VAL A 207 0.11 13.74 27.90
C VAL A 207 -1.10 12.98 27.38
N LEU A 208 -1.27 11.76 27.88
CA LEU A 208 -2.41 10.92 27.52
C LEU A 208 -3.75 11.61 27.80
N LEU A 209 -3.88 12.19 28.99
CA LEU A 209 -5.12 12.88 29.38
C LEU A 209 -5.45 14.04 28.46
N LYS A 210 -4.44 14.82 28.06
CA LYS A 210 -4.63 15.90 27.10
C LYS A 210 -5.07 15.36 25.74
N GLU A 211 -4.47 14.24 25.32
CA GLU A 211 -4.85 13.60 24.04
C GLU A 211 -6.27 13.07 24.07
N LEU A 212 -6.67 12.45 25.18
CA LEU A 212 -8.03 11.96 25.31
C LEU A 212 -9.03 13.09 25.16
N GLU A 213 -8.70 14.26 25.71
CA GLU A 213 -9.58 15.42 25.63
C GLU A 213 -9.72 15.89 24.18
N LEU A 214 -8.58 16.02 23.50
CA LEU A 214 -8.57 16.46 22.10
C LEU A 214 -9.34 15.53 21.17
N VAL A 215 -9.14 14.22 21.32
CA VAL A 215 -9.81 13.26 20.42
C VAL A 215 -11.30 13.17 20.72
N GLN A 216 -11.66 13.29 21.98
CA GLN A 216 -13.05 13.28 22.41
C GLN A 216 -13.83 14.45 21.80
N ASN A 217 -13.22 15.62 21.74
CA ASN A 217 -13.78 16.76 21.00
C ASN A 217 -14.00 16.40 19.53
N ALA A 218 -13.04 15.70 18.96
CA ALA A 218 -13.08 15.35 17.55
C ALA A 218 -14.29 14.48 17.23
N PHE A 219 -14.47 13.39 17.97
CA PHE A 219 -15.57 12.47 17.66
C PHE A 219 -16.94 12.93 18.18
N PHE A 220 -16.99 13.86 19.12
CA PHE A 220 -18.28 14.45 19.49
C PHE A 220 -18.67 15.56 18.51
N THR A 221 -17.68 16.23 17.93
CA THR A 221 -17.95 17.20 16.86
C THR A 221 -18.50 16.48 15.63
N ASP A 222 -17.77 15.46 15.15
CA ASP A 222 -18.23 14.62 14.05
C ASP A 222 -18.14 13.13 14.41
N PRO A 223 -19.24 12.55 14.94
CA PRO A 223 -19.28 11.14 15.33
C PRO A 223 -19.09 10.14 14.18
N ASN A 224 -19.14 10.62 12.94
CA ASN A 224 -18.95 9.76 11.77
C ASN A 224 -17.49 9.64 11.30
N ASP A 225 -16.59 10.47 11.83
CA ASP A 225 -15.20 10.38 11.38
C ASP A 225 -14.45 9.29 12.16
N GLN A 226 -14.17 8.20 11.46
CA GLN A 226 -13.54 7.03 12.08
C GLN A 226 -12.13 7.28 12.58
N SER A 227 -11.42 8.28 12.03
CA SER A 227 -10.03 8.49 12.42
C SER A 227 -9.89 8.76 13.92
N ALA A 228 -10.78 9.59 14.45
CA ALA A 228 -10.78 9.89 15.87
C ALA A 228 -11.01 8.65 16.75
N TRP A 229 -11.96 7.80 16.34
CA TRP A 229 -12.25 6.54 17.07
C TRP A 229 -11.08 5.57 17.04
N PHE A 230 -10.38 5.49 15.90
CA PHE A 230 -9.19 4.63 15.79
C PHE A 230 -8.06 5.12 16.69
N TYR A 231 -7.85 6.44 16.68
CA TYR A 231 -6.81 7.04 17.51
C TYR A 231 -7.14 6.88 18.99
N HIS A 232 -8.41 7.07 19.35
CA HIS A 232 -8.89 6.89 20.72
C HIS A 232 -8.60 5.47 21.22
N ARG A 233 -8.86 4.46 20.38
CA ARG A 233 -8.60 3.08 20.80
C ARG A 233 -7.13 2.87 21.15
N TRP A 234 -6.25 3.49 20.38
CA TRP A 234 -4.81 3.45 20.67
C TRP A 234 -4.50 4.06 22.05
N LEU A 235 -5.06 5.23 22.33
CA LEU A 235 -4.87 5.90 23.64
C LEU A 235 -5.35 5.04 24.83
N LEU A 236 -6.44 4.30 24.63
CA LEU A 236 -6.97 3.37 25.64
C LEU A 236 -6.00 2.22 25.95
N GLY A 237 -5.16 1.87 24.98
CA GLY A 237 -4.07 0.92 25.24
C GLY A 237 -2.73 1.53 25.66
N ALA A 238 -2.57 2.84 25.42
CA ALA A 238 -1.36 3.57 25.85
C ALA A 238 -1.52 3.99 27.30
N GLY A 241 -2.89 0.80 33.55
CA GLY A 241 -3.52 -0.37 34.17
C GLY A 241 -4.88 -0.06 34.79
N ARG A 242 -5.74 -1.07 34.84
CA ARG A 242 -7.10 -0.95 35.38
C ARG A 242 -7.11 -0.84 36.91
N CYS A 243 -6.41 -1.77 37.54
CA CYS A 243 -6.15 -1.75 38.96
C CYS A 243 -4.96 -0.82 39.29
N GLU A 244 -4.51 -0.09 38.27
CA GLU A 244 -3.50 0.95 38.41
C GLU A 244 -4.10 2.32 38.07
N LEU A 245 -5.42 2.39 37.88
CA LEU A 245 -6.07 3.64 37.49
C LEU A 245 -5.97 4.70 38.59
N SER A 246 -5.38 5.85 38.25
CA SER A 246 -5.40 7.02 39.13
C SER A 246 -6.85 7.48 39.31
N VAL A 247 -7.13 8.35 40.29
CA VAL A 247 -8.50 8.83 40.41
C VAL A 247 -8.87 9.77 39.25
N GLU A 248 -7.91 10.53 38.72
CA GLU A 248 -8.23 11.42 37.59
C GLU A 248 -8.51 10.64 36.31
N LYS A 249 -7.71 9.61 36.05
CA LYS A 249 -7.90 8.79 34.85
C LYS A 249 -9.18 7.96 34.97
N SER A 250 -9.41 7.38 36.16
CA SER A 250 -10.66 6.66 36.42
C SER A 250 -11.86 7.57 36.14
N THR A 251 -11.80 8.80 36.63
CA THR A 251 -12.90 9.75 36.47
C THR A 251 -13.07 10.21 35.01
N VAL A 252 -11.97 10.40 34.30
CA VAL A 252 -12.01 10.79 32.88
C VAL A 252 -12.65 9.68 32.02
N LEU A 253 -12.22 8.44 32.22
CA LEU A 253 -12.80 7.28 31.51
C LEU A 253 -14.29 7.09 31.82
N GLN A 254 -14.67 7.19 33.10
CA GLN A 254 -16.10 7.13 33.45
C GLN A 254 -16.90 8.24 32.76
N SER A 255 -16.31 9.44 32.67
CA SER A 255 -16.98 10.56 31.97
C SER A 255 -17.16 10.27 30.48
N GLU A 256 -16.12 9.69 29.87
CA GLU A 256 -16.20 9.31 28.46
C GLU A 256 -17.29 8.27 28.22
N LEU A 257 -17.43 7.35 29.17
CA LEU A 257 -18.44 6.30 29.09
C LEU A 257 -19.83 6.91 29.02
N GLU A 258 -20.14 7.79 29.97
CA GLU A 258 -21.45 8.45 29.99
C GLU A 258 -21.68 9.32 28.76
N SER A 259 -20.63 9.99 28.30
CA SER A 259 -20.71 10.82 27.11
C SER A 259 -20.99 10.00 25.83
N CYS A 260 -20.39 8.80 25.74
CA CYS A 260 -20.70 7.89 24.63
C CYS A 260 -22.13 7.35 24.68
N LYS A 261 -22.64 7.07 25.89
CA LYS A 261 -24.02 6.66 26.06
C LYS A 261 -24.98 7.76 25.60
N GLU A 262 -24.61 9.01 25.83
CA GLU A 262 -25.40 10.14 25.37
C GLU A 262 -25.43 10.17 23.84
N LEU A 263 -24.25 10.01 23.23
CA LEU A 263 -24.13 9.94 21.79
C LEU A 263 -24.92 8.76 21.20
N GLN A 264 -24.91 7.63 21.90
CA GLN A 264 -25.65 6.45 21.48
C GLN A 264 -27.14 6.75 21.28
N GLU A 265 -27.70 7.60 22.14
CA GLU A 265 -29.10 8.03 22.01
C GLU A 265 -29.33 8.89 20.77
N LEU A 266 -28.39 9.79 20.52
CA LEU A 266 -28.49 10.71 19.39
C LEU A 266 -28.29 9.99 18.05
N GLU A 267 -27.47 8.93 18.07
CA GLU A 267 -27.10 8.21 16.85
C GLU A 267 -27.13 6.70 17.14
N PRO A 268 -28.32 6.08 17.14
CA PRO A 268 -28.44 4.67 17.54
C PRO A 268 -27.87 3.66 16.54
N GLU A 269 -27.51 4.12 15.34
CA GLU A 269 -26.88 3.26 14.35
C GLU A 269 -25.37 3.50 14.25
N ASN A 270 -24.81 4.34 15.13
CA ASN A 270 -23.37 4.62 15.14
C ASN A 270 -22.64 3.49 15.84
N LYS A 271 -21.92 2.69 15.05
CA LYS A 271 -21.27 1.51 15.59
C LYS A 271 -20.00 1.88 16.38
N TRP A 272 -19.34 2.99 16.02
CA TRP A 272 -18.08 3.37 16.65
C TRP A 272 -18.26 3.69 18.13
N CYS A 273 -19.37 4.34 18.44
CA CYS A 273 -19.65 4.69 19.83
CA CYS A 273 -19.71 4.69 19.81
C CYS A 273 -19.95 3.43 20.66
N LEU A 274 -20.66 2.47 20.06
CA LEU A 274 -20.99 1.21 20.76
C LEU A 274 -19.73 0.39 21.09
N LEU A 275 -18.84 0.28 20.12
CA LEU A 275 -17.58 -0.45 20.33
C LEU A 275 -16.73 0.24 21.38
N THR A 276 -16.71 1.57 21.33
CA THR A 276 -15.92 2.34 22.27
C THR A 276 -16.47 2.22 23.71
N ILE A 277 -17.79 2.16 23.86
CA ILE A 277 -18.40 1.84 25.17
C ILE A 277 -17.89 0.49 25.74
N ILE A 278 -17.83 -0.53 24.90
CA ILE A 278 -17.28 -1.84 25.32
C ILE A 278 -15.84 -1.71 25.77
N LEU A 279 -15.03 -1.01 24.97
CA LEU A 279 -13.61 -0.84 25.27
C LEU A 279 -13.35 -0.02 26.55
N LEU A 280 -14.19 0.97 26.80
CA LEU A 280 -14.11 1.75 28.04
C LEU A 280 -14.42 0.89 29.27
N MET A 281 -15.44 0.05 29.19
CA MET A 281 -15.79 -0.85 30.30
C MET A 281 -14.68 -1.84 30.60
N ARG A 282 -14.04 -2.34 29.54
CA ARG A 282 -12.83 -3.17 29.66
C ARG A 282 -11.70 -2.44 30.36
N ALA A 283 -11.49 -1.18 30.00
CA ALA A 283 -10.43 -0.36 30.59
C ALA A 283 -10.73 -0.03 32.04
N LEU A 284 -12.01 -0.05 32.43
CA LEU A 284 -12.42 0.29 33.81
C LEU A 284 -12.46 -0.92 34.76
N ASP A 285 -13.22 -1.95 34.42
CA ASP A 285 -13.37 -3.14 35.30
C ASP A 285 -14.12 -4.25 34.55
N PRO A 286 -13.37 -5.15 33.88
CA PRO A 286 -13.93 -6.25 33.11
C PRO A 286 -15.02 -7.05 33.80
N LEU A 287 -14.76 -7.52 35.02
CA LEU A 287 -15.74 -8.37 35.74
C LEU A 287 -16.98 -7.61 36.21
N LEU A 288 -16.79 -6.40 36.73
CA LEU A 288 -17.93 -5.61 37.20
C LEU A 288 -18.91 -5.26 36.05
N TYR A 289 -18.35 -5.01 34.86
CA TYR A 289 -19.14 -4.64 33.69
C TYR A 289 -19.42 -5.82 32.74
N GLU A 290 -19.28 -7.05 33.22
CA GLU A 290 -19.50 -8.23 32.38
C GLU A 290 -20.89 -8.22 31.72
N LYS A 291 -21.93 -8.04 32.53
CA LYS A 291 -23.31 -8.08 32.06
C LYS A 291 -23.54 -7.05 30.95
N GLU A 292 -23.15 -5.82 31.23
CA GLU A 292 -23.34 -4.71 30.30
C GLU A 292 -22.54 -4.92 29.01
N THR A 293 -21.33 -5.42 29.15
CA THR A 293 -20.46 -5.71 28.01
C THR A 293 -21.09 -6.70 27.05
N LEU A 294 -21.66 -7.78 27.59
CA LEU A 294 -22.35 -8.77 26.78
C LEU A 294 -23.60 -8.20 26.08
N GLN A 295 -24.33 -7.33 26.79
CA GLN A 295 -25.47 -6.63 26.19
C GLN A 295 -25.08 -5.74 25.02
N TYR A 296 -23.96 -5.02 25.18
CA TYR A 296 -23.48 -4.14 24.11
C TYR A 296 -23.00 -4.91 22.89
N PHE A 297 -22.37 -6.08 23.09
CA PHE A 297 -22.03 -6.95 21.95
C PHE A 297 -23.25 -7.34 21.12
N SER A 298 -24.38 -7.64 21.76
CA SER A 298 -25.60 -7.98 21.03
C SER A 298 -26.13 -6.82 20.19
N THR A 299 -26.14 -5.63 20.77
CA THR A 299 -26.60 -4.45 20.05
C THR A 299 -25.68 -4.09 18.88
N LEU A 300 -24.37 -4.14 19.13
CA LEU A 300 -23.38 -3.78 18.13
C LEU A 300 -23.43 -4.70 16.91
N LYS A 301 -23.53 -6.02 17.15
CA LYS A 301 -23.66 -6.98 16.05
C LYS A 301 -24.87 -6.70 15.16
N ALA A 302 -25.98 -6.28 15.78
CA ALA A 302 -27.18 -5.88 15.05
C ALA A 302 -26.97 -4.60 14.21
N VAL A 303 -26.18 -3.67 14.73
CA VAL A 303 -25.89 -2.41 14.06
C VAL A 303 -24.81 -2.56 12.97
N ASP A 304 -23.84 -3.47 13.19
CA ASP A 304 -22.72 -3.65 12.27
C ASP A 304 -22.53 -5.13 11.88
N PRO A 305 -23.51 -5.71 11.17
CA PRO A 305 -23.53 -7.15 10.89
C PRO A 305 -22.35 -7.68 10.06
N MET A 306 -21.77 -6.87 9.17
CA MET A 306 -20.61 -7.34 8.37
C MET A 306 -19.39 -7.73 9.26
N ARG A 307 -19.33 -7.13 10.45
CA ARG A 307 -18.26 -7.37 11.42
C ARG A 307 -18.64 -8.39 12.51
N ALA A 308 -19.74 -9.12 12.32
CA ALA A 308 -20.25 -10.03 13.35
C ALA A 308 -19.21 -11.07 13.79
N ALA A 309 -18.45 -11.62 12.84
CA ALA A 309 -17.44 -12.63 13.15
C ALA A 309 -16.28 -12.05 13.96
N TYR A 310 -15.85 -10.84 13.61
CA TYR A 310 -14.84 -10.12 14.39
C TYR A 310 -15.32 -9.90 15.83
N LEU A 311 -16.58 -9.46 15.94
CA LEU A 311 -17.17 -9.12 17.23
C LEU A 311 -17.35 -10.36 18.13
N ASP A 312 -17.71 -11.49 17.52
CA ASP A 312 -17.74 -12.77 18.25
C ASP A 312 -16.38 -13.19 18.74
N ASP A 313 -15.34 -13.02 17.92
CA ASP A 313 -13.99 -13.37 18.35
C ASP A 313 -13.50 -12.43 19.47
N LEU A 314 -13.83 -11.14 19.37
CA LEU A 314 -13.46 -10.17 20.43
C LEU A 314 -14.14 -10.53 21.75
N ARG A 315 -15.42 -10.85 21.68
CA ARG A 315 -16.18 -11.26 22.85
C ARG A 315 -15.62 -12.56 23.47
N SER A 316 -15.34 -13.56 22.63
CA SER A 316 -14.71 -14.79 23.11
C SER A 316 -13.39 -14.50 23.83
N LYS A 317 -12.58 -13.60 23.27
CA LYS A 317 -11.32 -13.18 23.88
C LYS A 317 -11.58 -12.58 25.28
N PHE A 318 -12.57 -11.70 25.35
CA PHE A 318 -12.93 -11.03 26.61
C PHE A 318 -13.51 -12.02 27.64
N LEU A 319 -14.32 -12.98 27.20
CA LEU A 319 -14.89 -13.99 28.12
C LEU A 319 -13.82 -14.88 28.73
N LEU A 320 -12.81 -15.21 27.94
CA LEU A 320 -11.67 -16.01 28.40
C LEU A 320 -10.84 -15.20 29.40
N GLU A 321 -10.59 -13.92 29.09
CA GLU A 321 -9.91 -13.02 30.03
C GLU A 321 -10.66 -12.98 31.36
N ASN A 322 -11.99 -12.88 31.31
CA ASN A 322 -12.82 -12.86 32.52
C ASN A 322 -12.70 -14.13 33.35
N SER A 323 -12.66 -15.28 32.68
CA SER A 323 -12.46 -16.56 33.35
C SER A 323 -11.16 -16.62 34.15
N VAL A 324 -10.08 -16.13 33.54
CA VAL A 324 -8.77 -16.05 34.20
C VAL A 324 -8.80 -15.09 35.40
N LEU A 325 -9.45 -13.94 35.25
CA LEU A 325 -9.61 -12.99 36.36
C LEU A 325 -10.44 -13.56 37.51
N LYS A 326 -11.49 -14.32 37.19
CA LYS A 326 -12.31 -14.98 38.20
C LYS A 326 -11.52 -16.07 38.95
N MET A 327 -10.61 -16.74 38.23
CA MET A 327 -9.79 -17.80 38.83
C MET A 327 -8.66 -17.24 39.70
N GLU A 328 -8.32 -15.97 39.53
CA GLU A 328 -7.32 -15.31 40.39
C GLU A 328 -7.82 -15.10 41.82
N TYR A 329 -9.14 -15.19 42.02
CA TYR A 329 -9.73 -14.98 43.34
C TYR A 329 -9.09 -15.87 44.40
N ALA A 330 -8.69 -15.25 45.51
CA ALA A 330 -8.07 -15.94 46.64
C ALA A 330 -9.10 -16.77 47.40
N GLN B 4 -18.31 6.63 4.73
CA GLN B 4 -19.55 6.95 3.98
C GLN B 4 -19.33 6.93 2.47
N LYS B 5 -18.17 7.42 2.00
CA LYS B 5 -17.79 7.29 0.58
C LYS B 5 -17.90 5.81 0.17
N ASP B 6 -18.70 5.54 -0.85
CA ASP B 6 -18.88 4.16 -1.33
C ASP B 6 -19.48 4.19 -2.73
N VAL B 7 -19.56 3.03 -3.38
CA VAL B 7 -20.30 2.89 -4.64
C VAL B 7 -21.66 2.26 -4.32
N THR B 8 -22.61 2.42 -5.23
CA THR B 8 -23.88 1.70 -5.17
C THR B 8 -23.92 0.77 -6.36
N ILE B 9 -24.08 -0.52 -6.10
CA ILE B 9 -24.14 -1.52 -7.16
C ILE B 9 -25.53 -1.53 -7.77
N LYS B 10 -25.63 -1.20 -9.06
CA LYS B 10 -26.92 -1.23 -9.75
C LYS B 10 -27.44 -2.67 -9.86
N SER B 11 -28.77 -2.79 -9.97
CA SER B 11 -29.43 -4.10 -9.82
C SER B 11 -29.18 -5.07 -10.97
N ASP B 12 -28.67 -4.55 -12.10
CA ASP B 12 -28.36 -5.37 -13.27
C ASP B 12 -26.86 -5.62 -13.45
N ALA B 13 -26.06 -5.25 -12.45
CA ALA B 13 -24.61 -5.56 -12.47
C ALA B 13 -24.42 -7.08 -12.58
N PRO B 14 -23.32 -7.52 -13.22
CA PRO B 14 -23.07 -8.97 -13.31
C PRO B 14 -23.04 -9.67 -11.94
N ASP B 15 -23.66 -10.82 -11.85
CA ASP B 15 -23.79 -11.55 -10.58
C ASP B 15 -23.40 -13.01 -10.71
N THR B 16 -22.72 -13.34 -11.80
CA THR B 16 -22.22 -14.67 -12.05
C THR B 16 -20.81 -14.53 -12.62
N LEU B 17 -20.00 -15.58 -12.47
CA LEU B 17 -18.61 -15.55 -12.92
C LEU B 17 -18.48 -15.86 -14.40
N LEU B 18 -17.87 -14.95 -15.15
CA LEU B 18 -17.77 -15.02 -16.62
C LEU B 18 -16.37 -15.49 -17.05
N LEU B 19 -16.01 -16.70 -16.64
CA LEU B 19 -14.65 -17.19 -16.77
C LEU B 19 -14.19 -17.26 -18.23
N GLU B 20 -15.07 -17.73 -19.12
CA GLU B 20 -14.72 -17.82 -20.54
C GLU B 20 -14.37 -16.46 -21.13
N LYS B 21 -15.13 -15.42 -20.77
CA LYS B 21 -14.87 -14.07 -21.23
C LYS B 21 -13.54 -13.49 -20.73
N HIS B 22 -13.17 -13.79 -19.48
CA HIS B 22 -11.92 -13.26 -18.93
C HIS B 22 -10.73 -13.90 -19.63
N ALA B 23 -10.81 -15.20 -19.89
CA ALA B 23 -9.77 -15.90 -20.62
C ALA B 23 -9.59 -15.35 -22.05
N ASP B 24 -10.70 -15.05 -22.74
CA ASP B 24 -10.64 -14.42 -24.08
C ASP B 24 -10.07 -13.01 -24.02
N TYR B 25 -10.43 -12.26 -22.97
CA TYR B 25 -9.88 -10.92 -22.79
C TYR B 25 -8.36 -10.94 -22.64
N ILE B 26 -7.86 -11.81 -21.77
CA ILE B 26 -6.41 -11.90 -21.54
C ILE B 26 -5.69 -12.51 -22.74
N ALA B 27 -6.26 -13.58 -23.31
CA ALA B 27 -5.62 -14.24 -24.46
C ALA B 27 -5.45 -13.28 -25.65
N SER B 28 -6.37 -12.32 -25.78
CA SER B 28 -6.35 -11.34 -26.87
C SER B 28 -5.66 -10.02 -26.51
N TYR B 29 -5.27 -9.85 -25.26
CA TYR B 29 -4.75 -8.55 -24.81
C TYR B 29 -3.43 -8.21 -25.51
N GLY B 30 -3.33 -6.99 -26.01
CA GLY B 30 -2.13 -6.54 -26.70
C GLY B 30 -1.98 -7.12 -28.10
N SER B 31 -3.10 -7.29 -28.80
CA SER B 31 -3.11 -7.87 -30.15
C SER B 31 -2.58 -6.86 -31.18
N ASP B 35 -3.45 0.50 -30.59
CA ASP B 35 -3.75 0.23 -29.19
C ASP B 35 -3.02 1.27 -28.33
N TYR B 36 -3.78 2.14 -27.66
CA TYR B 36 -3.19 3.27 -26.93
C TYR B 36 -2.54 2.83 -25.63
N GLU B 37 -3.34 2.25 -24.74
CA GLU B 37 -2.86 1.89 -23.40
C GLU B 37 -1.78 0.81 -23.39
N TYR B 38 -1.65 0.07 -24.46
CA TYR B 38 -0.70 -1.01 -24.50
C TYR B 38 0.66 -0.43 -24.74
N CYS B 39 0.76 0.39 -25.76
CA CYS B 39 2.01 0.96 -26.13
C CYS B 39 2.48 1.94 -25.06
N MET B 40 1.53 2.50 -24.33
CA MET B 40 1.81 3.47 -23.27
C MET B 40 2.24 2.83 -21.95
N SER B 41 1.96 1.57 -21.78
CA SER B 41 2.28 0.84 -20.56
C SER B 41 3.47 -0.10 -20.72
N GLU B 42 4.29 0.13 -21.73
CA GLU B 42 5.48 -0.66 -21.98
C GLU B 42 6.45 -0.64 -20.79
N TYR B 43 6.47 0.47 -20.04
CA TYR B 43 7.27 0.60 -18.82
C TYR B 43 6.91 -0.42 -17.72
N LEU B 44 5.77 -1.10 -17.81
CA LEU B 44 5.39 -2.13 -16.83
C LEU B 44 5.16 -3.50 -17.49
N ARG B 45 5.59 -3.66 -18.74
CA ARG B 45 5.28 -4.87 -19.52
C ARG B 45 5.54 -6.19 -18.81
N MET B 46 6.72 -6.34 -18.17
CA MET B 46 7.02 -7.61 -17.49
C MET B 46 5.95 -7.96 -16.44
N SER B 47 5.53 -6.97 -15.66
CA SER B 47 4.49 -7.19 -14.64
C SER B 47 3.14 -7.47 -15.29
N GLY B 48 2.84 -6.76 -16.37
CA GLY B 48 1.64 -7.03 -17.18
C GLY B 48 1.58 -8.47 -17.66
N VAL B 49 2.73 -9.00 -18.08
CA VAL B 49 2.82 -10.39 -18.49
C VAL B 49 2.53 -11.32 -17.30
N TYR B 50 3.16 -11.05 -16.16
CA TYR B 50 2.89 -11.80 -14.91
C TYR B 50 1.40 -11.80 -14.56
N TRP B 51 0.75 -10.64 -14.58
CA TRP B 51 -0.67 -10.55 -14.23
C TRP B 51 -1.51 -11.45 -15.16
N GLY B 52 -1.23 -11.37 -16.45
CA GLY B 52 -1.93 -12.16 -17.49
C GLY B 52 -1.75 -13.65 -17.35
N LEU B 53 -0.51 -14.10 -17.22
CA LEU B 53 -0.20 -15.52 -17.09
C LEU B 53 -0.75 -16.14 -15.81
N THR B 54 -0.65 -15.40 -14.70
CA THR B 54 -1.15 -15.91 -13.43
C THR B 54 -2.66 -16.08 -13.44
N VAL B 55 -3.36 -15.10 -13.99
CA VAL B 55 -4.83 -15.22 -14.01
C VAL B 55 -5.25 -16.34 -14.96
N MET B 56 -4.54 -16.52 -16.07
CA MET B 56 -4.82 -17.65 -16.98
C MET B 56 -4.58 -18.98 -16.29
N ASP B 57 -3.48 -19.11 -15.58
CA ASP B 57 -3.17 -20.34 -14.87
C ASP B 57 -4.19 -20.65 -13.76
N LEU B 58 -4.66 -19.62 -13.04
CA LEU B 58 -5.69 -19.83 -12.02
C LEU B 58 -6.99 -20.34 -12.64
N MET B 59 -7.24 -19.96 -13.90
CA MET B 59 -8.44 -20.38 -14.61
C MET B 59 -8.25 -21.67 -15.42
N GLY B 60 -7.06 -22.27 -15.33
CA GLY B 60 -6.72 -23.48 -16.09
C GLY B 60 -6.41 -23.29 -17.58
N GLN B 61 -6.11 -22.04 -17.98
CA GLN B 61 -5.94 -21.68 -19.39
C GLN B 61 -4.55 -21.17 -19.78
N LEU B 62 -3.53 -21.50 -19.00
CA LEU B 62 -2.18 -20.99 -19.25
C LEU B 62 -1.65 -21.35 -20.64
N HIS B 63 -2.06 -22.52 -21.14
CA HIS B 63 -1.56 -23.01 -22.44
C HIS B 63 -1.89 -22.10 -23.61
N ARG B 64 -2.93 -21.28 -23.50
CA ARG B 64 -3.29 -20.35 -24.57
C ARG B 64 -2.32 -19.17 -24.75
N MET B 65 -1.39 -19.00 -23.81
CA MET B 65 -0.37 -17.96 -23.89
C MET B 65 0.87 -18.53 -24.57
N ASN B 66 1.81 -17.66 -24.95
CA ASN B 66 2.97 -18.09 -25.73
CA ASN B 66 2.97 -18.06 -25.74
C ASN B 66 4.22 -18.21 -24.87
N LYS B 67 4.43 -19.42 -24.35
CA LYS B 67 5.55 -19.71 -23.46
C LYS B 67 6.89 -19.36 -24.07
N GLU B 68 7.17 -19.86 -25.28
CA GLU B 68 8.49 -19.68 -25.87
C GLU B 68 8.80 -18.20 -26.13
N GLU B 69 7.81 -17.46 -26.59
CA GLU B 69 7.96 -16.03 -26.82
C GLU B 69 8.29 -15.29 -25.51
N ILE B 70 7.56 -15.63 -24.45
CA ILE B 70 7.77 -15.00 -23.14
C ILE B 70 9.13 -15.34 -22.53
N LEU B 71 9.61 -16.57 -22.69
CA LEU B 71 10.93 -16.93 -22.15
C LEU B 71 12.07 -16.17 -22.84
N VAL B 72 11.98 -16.00 -24.15
CA VAL B 72 12.98 -15.24 -24.89
C VAL B 72 12.97 -13.78 -24.45
N PHE B 73 11.76 -13.23 -24.29
CA PHE B 73 11.57 -11.86 -23.81
C PHE B 73 12.20 -11.66 -22.43
N ILE B 74 11.97 -12.59 -21.51
CA ILE B 74 12.55 -12.50 -20.17
C ILE B 74 14.09 -12.52 -20.21
N LYS B 75 14.65 -13.44 -20.98
CA LYS B 75 16.11 -13.52 -21.13
C LYS B 75 16.67 -12.20 -21.65
N SER B 76 15.97 -11.58 -22.60
CA SER B 76 16.42 -10.32 -23.19
CA SER B 76 16.41 -10.32 -23.21
C SER B 76 16.27 -9.13 -22.24
N CYS B 77 15.53 -9.31 -21.15
CA CYS B 77 15.35 -8.23 -20.17
C CYS B 77 16.30 -8.27 -18.97
N GLN B 78 17.12 -9.32 -18.84
CA GLN B 78 18.09 -9.35 -17.75
C GLN B 78 19.33 -8.55 -18.14
N HIS B 79 19.72 -7.62 -17.27
CA HIS B 79 20.88 -6.77 -17.51
C HIS B 79 22.16 -7.37 -16.93
N GLU B 80 23.28 -6.77 -17.28
CA GLU B 80 24.59 -7.31 -16.89
C GLU B 80 24.80 -7.32 -15.36
N CYS B 81 24.12 -6.41 -14.66
CA CYS B 81 24.11 -6.38 -13.19
C CYS B 81 23.28 -7.50 -12.55
N GLY B 82 22.47 -8.20 -13.34
CA GLY B 82 21.65 -9.31 -12.85
C GLY B 82 20.17 -8.99 -12.72
N GLY B 83 19.85 -7.70 -12.60
CA GLY B 83 18.47 -7.26 -12.50
C GLY B 83 17.72 -7.35 -13.81
N VAL B 84 16.39 -7.37 -13.72
CA VAL B 84 15.52 -7.52 -14.89
C VAL B 84 14.69 -6.26 -15.06
N SER B 85 14.56 -5.81 -16.32
CA SER B 85 13.78 -4.62 -16.67
C SER B 85 12.35 -4.99 -17.07
N ALA B 86 11.48 -3.98 -17.14
CA ALA B 86 10.09 -4.20 -17.53
C ALA B 86 9.97 -4.58 -19.00
N SER B 87 10.93 -4.13 -19.80
CA SER B 87 10.94 -4.39 -21.23
C SER B 87 12.33 -4.16 -21.80
N ILE B 88 12.53 -4.54 -23.06
CA ILE B 88 13.86 -4.44 -23.68
C ILE B 88 14.29 -2.99 -23.81
N GLY B 89 15.47 -2.67 -23.30
CA GLY B 89 15.99 -1.30 -23.33
C GLY B 89 15.58 -0.41 -22.17
N HIS B 90 14.64 -0.86 -21.34
CA HIS B 90 14.29 -0.15 -20.10
C HIS B 90 15.27 -0.60 -19.02
N ASP B 91 15.21 0.05 -17.86
CA ASP B 91 16.19 -0.17 -16.80
C ASP B 91 15.73 -1.21 -15.77
N PRO B 92 16.69 -1.96 -15.19
CA PRO B 92 16.36 -2.99 -14.20
C PRO B 92 15.80 -2.43 -12.90
N HIS B 93 14.89 -3.20 -12.28
CA HIS B 93 14.22 -2.82 -11.04
C HIS B 93 13.76 -4.07 -10.29
N LEU B 94 13.72 -4.00 -8.95
CA LEU B 94 13.23 -5.12 -8.14
C LEU B 94 11.81 -5.56 -8.49
N LEU B 95 10.94 -4.63 -8.84
CA LEU B 95 9.56 -4.96 -9.22
C LEU B 95 9.50 -5.96 -10.39
N TYR B 96 10.32 -5.72 -11.41
CA TYR B 96 10.28 -6.51 -12.65
C TYR B 96 11.14 -7.76 -12.53
N THR B 97 12.11 -7.72 -11.62
CA THR B 97 12.89 -8.89 -11.24
C THR B 97 11.98 -9.91 -10.55
N LEU B 98 11.16 -9.46 -9.58
CA LEU B 98 10.17 -10.34 -8.95
C LEU B 98 9.20 -10.91 -10.01
N SER B 99 8.62 -10.02 -10.79
CA SER B 99 7.67 -10.45 -11.84
C SER B 99 8.26 -11.52 -12.75
N ALA B 100 9.48 -11.31 -13.22
CA ALA B 100 10.15 -12.28 -14.08
C ALA B 100 10.35 -13.63 -13.39
N VAL B 101 10.78 -13.62 -12.12
CA VAL B 101 11.01 -14.85 -11.37
C VAL B 101 9.68 -15.56 -11.09
N GLN B 102 8.62 -14.79 -10.85
CA GLN B 102 7.30 -15.41 -10.70
C GLN B 102 6.86 -16.14 -11.99
N ILE B 103 7.07 -15.49 -13.13
CA ILE B 103 6.70 -16.08 -14.42
C ILE B 103 7.48 -17.37 -14.67
N LEU B 104 8.81 -17.30 -14.48
CA LEU B 104 9.68 -18.47 -14.69
C LEU B 104 9.35 -19.64 -13.74
N THR B 105 8.94 -19.32 -12.52
CA THR B 105 8.43 -20.32 -11.58
C THR B 105 7.12 -20.97 -12.09
N LEU B 106 6.19 -20.17 -12.58
CA LEU B 106 4.97 -20.68 -13.22
C LEU B 106 5.32 -21.66 -14.35
N TYR B 107 6.39 -21.36 -15.06
CA TYR B 107 6.83 -22.16 -16.22
C TYR B 107 7.92 -23.20 -15.93
N ASP B 108 8.28 -23.36 -14.65
CA ASP B 108 9.38 -24.24 -14.26
C ASP B 108 10.59 -24.06 -15.19
N SER B 109 10.97 -22.78 -15.38
CA SER B 109 12.04 -22.41 -16.32
C SER B 109 12.99 -21.38 -15.71
N ILE B 110 13.25 -21.51 -14.41
CA ILE B 110 14.11 -20.56 -13.69
C ILE B 110 15.53 -20.43 -14.29
N HIS B 111 16.03 -21.51 -14.89
CA HIS B 111 17.39 -21.42 -15.39
CA HIS B 111 17.34 -21.65 -15.54
C HIS B 111 17.53 -20.78 -16.78
N VAL B 112 16.44 -20.24 -17.31
CA VAL B 112 16.48 -19.36 -18.48
C VAL B 112 17.25 -18.06 -18.20
N ILE B 113 17.28 -17.61 -16.95
CA ILE B 113 18.10 -16.45 -16.57
C ILE B 113 19.25 -16.86 -15.68
N ASN B 114 20.19 -15.95 -15.47
CA ASN B 114 21.32 -16.20 -14.60
C ASN B 114 20.88 -15.98 -13.14
N VAL B 115 20.61 -17.07 -12.43
CA VAL B 115 20.06 -16.98 -11.07
C VAL B 115 21.05 -16.40 -10.06
N ASP B 116 22.33 -16.77 -10.18
CA ASP B 116 23.38 -16.23 -9.33
C ASP B 116 23.46 -14.71 -9.42
N LYS B 117 23.31 -14.18 -10.64
CA LYS B 117 23.33 -12.74 -10.87
C LYS B 117 22.08 -12.05 -10.32
N VAL B 118 20.92 -12.68 -10.44
CA VAL B 118 19.69 -12.16 -9.80
C VAL B 118 19.91 -11.98 -8.30
N VAL B 119 20.40 -13.03 -7.65
CA VAL B 119 20.70 -13.02 -6.23
C VAL B 119 21.67 -11.90 -5.88
N ALA B 120 22.74 -11.78 -6.66
CA ALA B 120 23.72 -10.69 -6.47
C ALA B 120 23.07 -9.31 -6.56
N TYR B 121 22.19 -9.14 -7.54
CA TYR B 121 21.47 -7.89 -7.72
C TYR B 121 20.63 -7.57 -6.49
N VAL B 122 19.85 -8.54 -6.03
CA VAL B 122 18.97 -8.33 -4.88
C VAL B 122 19.79 -7.96 -3.64
N GLN B 123 20.84 -8.74 -3.39
CA GLN B 123 21.76 -8.51 -2.28
C GLN B 123 22.32 -7.09 -2.27
N SER B 124 22.66 -6.58 -3.46
CA SER B 124 23.29 -5.26 -3.63
C SER B 124 22.38 -4.09 -3.26
N LEU B 125 21.07 -4.33 -3.27
CA LEU B 125 20.09 -3.26 -3.03
C LEU B 125 19.69 -3.09 -1.54
N GLN B 126 20.18 -3.96 -0.66
CA GLN B 126 19.90 -3.85 0.76
C GLN B 126 20.77 -2.75 1.41
N LYS B 127 20.15 -1.97 2.28
CA LYS B 127 20.84 -0.86 2.93
C LYS B 127 21.28 -1.21 4.34
N GLU B 128 22.08 -0.35 4.95
CA GLU B 128 22.61 -0.60 6.29
C GLU B 128 21.51 -0.85 7.33
N ASP B 129 20.39 -0.12 7.22
CA ASP B 129 19.27 -0.30 8.13
C ASP B 129 18.39 -1.53 7.84
N GLY B 130 18.75 -2.32 6.83
CA GLY B 130 18.00 -3.55 6.48
C GLY B 130 16.97 -3.35 5.37
N SER B 131 16.69 -2.10 5.03
CA SER B 131 15.74 -1.77 3.97
C SER B 131 16.28 -2.11 2.58
N PHE B 132 15.39 -2.08 1.59
CA PHE B 132 15.76 -2.27 0.19
C PHE B 132 15.35 -1.10 -0.69
N ALA B 133 16.29 -0.65 -1.51
CA ALA B 133 15.99 0.27 -2.61
C ALA B 133 15.42 -0.51 -3.80
N GLY B 134 14.60 0.14 -4.61
CA GLY B 134 14.01 -0.52 -5.78
C GLY B 134 15.02 -0.75 -6.90
N ASP B 135 16.00 0.14 -6.98
CA ASP B 135 17.02 0.09 -8.00
C ASP B 135 18.16 1.00 -7.56
N ILE B 136 19.15 1.22 -8.43
CA ILE B 136 20.33 2.03 -8.10
C ILE B 136 20.03 3.48 -7.70
N TRP B 137 18.82 3.97 -7.98
CA TRP B 137 18.50 5.36 -7.69
C TRP B 137 17.91 5.61 -6.29
N GLY B 138 17.74 4.54 -5.51
CA GLY B 138 17.63 4.67 -4.06
C GLY B 138 16.26 4.86 -3.41
N GLU B 139 15.17 4.69 -4.16
CA GLU B 139 13.82 4.79 -3.57
C GLU B 139 13.65 3.66 -2.55
N ILE B 140 13.35 4.00 -1.29
CA ILE B 140 13.11 3.00 -0.23
C ILE B 140 11.61 2.80 0.00
N ASP B 141 11.16 1.54 0.01
CA ASP B 141 9.75 1.21 0.19
C ASP B 141 9.69 -0.24 0.72
N THR B 142 8.83 -0.49 1.70
CA THR B 142 8.62 -1.87 2.15
C THR B 142 8.11 -2.77 1.02
N ARG B 143 7.51 -2.18 -0.03
CA ARG B 143 7.18 -2.96 -1.23
C ARG B 143 8.41 -3.72 -1.73
N PHE B 144 9.57 -3.07 -1.64
CA PHE B 144 10.83 -3.63 -2.13
C PHE B 144 11.46 -4.65 -1.19
N SER B 145 11.20 -4.54 0.11
CA SER B 145 11.55 -5.61 1.06
C SER B 145 10.82 -6.91 0.70
N PHE B 146 9.53 -6.79 0.38
CA PHE B 146 8.74 -7.93 -0.08
C PHE B 146 9.28 -8.47 -1.40
N CYS B 147 9.53 -7.59 -2.38
CA CYS B 147 10.08 -8.05 -3.67
C CYS B 147 11.38 -8.82 -3.47
N ALA B 148 12.24 -8.32 -2.59
CA ALA B 148 13.52 -8.96 -2.33
C ALA B 148 13.37 -10.37 -1.76
N VAL B 149 12.60 -10.52 -0.68
CA VAL B 149 12.48 -11.82 -0.03
C VAL B 149 11.61 -12.81 -0.81
N ALA B 150 10.57 -12.33 -1.47
CA ALA B 150 9.75 -13.18 -2.34
C ALA B 150 10.57 -13.72 -3.52
N THR B 151 11.38 -12.87 -4.13
CA THR B 151 12.26 -13.31 -5.22
C THR B 151 13.25 -14.38 -4.71
N LEU B 152 13.95 -14.08 -3.62
CA LEU B 152 14.92 -15.01 -3.05
C LEU B 152 14.28 -16.33 -2.56
N ALA B 153 13.10 -16.27 -1.95
CA ALA B 153 12.37 -17.46 -1.52
C ALA B 153 12.06 -18.42 -2.67
N LEU B 154 11.61 -17.86 -3.79
CA LEU B 154 11.32 -18.62 -5.01
C LEU B 154 12.56 -19.26 -5.63
N LEU B 155 13.73 -18.64 -5.40
CA LEU B 155 15.02 -19.16 -5.87
C LEU B 155 15.77 -20.04 -4.86
N GLY B 156 15.24 -20.19 -3.65
CA GLY B 156 15.88 -20.95 -2.58
C GLY B 156 17.08 -20.25 -1.95
N LYS B 157 17.09 -18.92 -2.02
CA LYS B 157 18.29 -18.17 -1.64
C LYS B 157 18.02 -17.05 -0.66
N LEU B 158 17.06 -17.24 0.23
CA LEU B 158 16.75 -16.24 1.26
C LEU B 158 17.96 -15.96 2.15
N ASP B 159 18.85 -16.96 2.31
CA ASP B 159 20.02 -16.78 3.15
C ASP B 159 21.03 -15.77 2.60
N ALA B 160 20.81 -15.26 1.38
CA ALA B 160 21.72 -14.34 0.72
C ALA B 160 21.65 -12.91 1.25
N ILE B 161 20.58 -12.57 1.96
CA ILE B 161 20.42 -11.22 2.49
C ILE B 161 20.55 -11.23 4.00
N ASN B 162 20.63 -10.05 4.59
CA ASN B 162 20.71 -9.92 6.05
C ASN B 162 19.29 -9.95 6.60
N VAL B 163 18.84 -11.13 7.03
CA VAL B 163 17.43 -11.32 7.30
C VAL B 163 16.97 -10.60 8.57
N GLU B 164 17.75 -10.67 9.66
CA GLU B 164 17.36 -9.99 10.90
C GLU B 164 17.30 -8.48 10.74
N LYS B 165 18.24 -7.89 10.01
CA LYS B 165 18.16 -6.47 9.71
C LYS B 165 16.95 -6.15 8.83
N ALA B 166 16.65 -7.02 7.87
CA ALA B 166 15.50 -6.79 6.99
C ALA B 166 14.21 -6.83 7.82
N ILE B 167 14.15 -7.73 8.81
CA ILE B 167 13.01 -7.85 9.72
C ILE B 167 12.88 -6.59 10.60
N GLU B 168 14.00 -6.16 11.18
CA GLU B 168 14.03 -4.95 12.01
C GLU B 168 13.48 -3.74 11.24
N PHE B 169 13.90 -3.57 9.99
CA PHE B 169 13.39 -2.45 9.19
C PHE B 169 11.87 -2.55 9.01
N VAL B 170 11.38 -3.71 8.58
CA VAL B 170 9.94 -3.87 8.36
C VAL B 170 9.14 -3.62 9.64
N LEU B 171 9.59 -4.18 10.76
CA LEU B 171 8.90 -3.95 12.03
C LEU B 171 8.98 -2.48 12.48
N SER B 172 10.04 -1.77 12.10
CA SER B 172 10.13 -0.33 12.38
C SER B 172 9.09 0.50 11.61
N CYS B 173 8.42 -0.13 10.65
CA CYS B 173 7.36 0.49 9.87
C CYS B 173 5.95 0.18 10.41
N MET B 174 5.85 -0.55 11.53
CA MET B 174 4.54 -0.87 12.13
C MET B 174 3.96 0.33 12.88
N ASN B 175 2.67 0.57 12.69
CA ASN B 175 2.03 1.81 13.15
C ASN B 175 1.10 1.60 14.34
N PHE B 176 0.58 2.72 14.87
CA PHE B 176 -0.33 2.72 16.03
C PHE B 176 -1.54 1.81 15.88
N ASP B 177 -2.00 1.66 14.62
CA ASP B 177 -3.19 0.89 14.28
C ASP B 177 -2.88 -0.54 13.88
N GLY B 178 -1.62 -0.96 14.03
CA GLY B 178 -1.21 -2.31 13.74
C GLY B 178 -0.77 -2.58 12.31
N GLY B 179 -0.98 -1.60 11.42
CA GLY B 179 -0.56 -1.70 10.03
C GLY B 179 0.83 -1.17 9.74
N PHE B 180 1.11 -1.01 8.44
CA PHE B 180 2.44 -0.71 7.92
C PHE B 180 2.31 0.24 6.73
N GLY B 181 3.29 1.14 6.58
CA GLY B 181 3.38 2.01 5.41
C GLY B 181 4.68 1.81 4.64
N CYS B 182 4.99 2.75 3.72
CA CYS B 182 6.17 2.65 2.83
C CYS B 182 7.50 2.60 3.58
N ARG B 183 7.62 3.47 4.57
CA ARG B 183 8.87 3.70 5.32
C ARG B 183 8.51 4.05 6.76
N PRO B 184 9.50 4.08 7.66
CA PRO B 184 9.15 4.45 9.04
C PRO B 184 8.43 5.78 9.15
N GLY B 185 7.31 5.76 9.86
CA GLY B 185 6.45 6.94 10.02
C GLY B 185 5.37 7.08 8.96
N SER B 186 5.40 6.24 7.92
CA SER B 186 4.39 6.27 6.88
C SER B 186 3.05 5.71 7.36
N GLU B 187 1.97 6.30 6.88
CA GLU B 187 0.64 5.90 7.25
C GLU B 187 0.31 4.48 6.74
N SER B 188 -0.51 3.75 7.48
CA SER B 188 -0.93 2.40 7.08
C SER B 188 -1.69 2.41 5.75
N HIS B 189 -1.41 1.44 4.90
CA HIS B 189 -2.04 1.33 3.58
C HIS B 189 -2.14 -0.17 3.24
N ALA B 190 -3.29 -0.59 2.70
CA ALA B 190 -3.51 -2.02 2.39
C ALA B 190 -2.39 -2.67 1.56
N GLY B 191 -1.93 -1.98 0.53
CA GLY B 191 -0.83 -2.43 -0.31
C GLY B 191 0.43 -2.77 0.46
N GLN B 192 0.89 -1.82 1.30
CA GLN B 192 2.07 -2.03 2.12
C GLN B 192 1.84 -3.06 3.23
N ILE B 193 0.63 -3.16 3.75
CA ILE B 193 0.28 -4.23 4.72
C ILE B 193 0.41 -5.61 4.09
N TYR B 194 -0.08 -5.76 2.86
CA TYR B 194 0.11 -7.02 2.12
C TYR B 194 1.61 -7.36 1.97
N CYS B 195 2.40 -6.38 1.56
CA CYS B 195 3.84 -6.57 1.38
CA CYS B 195 3.83 -6.61 1.37
C CYS B 195 4.55 -6.93 2.69
N CYS B 196 4.17 -6.26 3.78
CA CYS B 196 4.82 -6.50 5.07
C CYS B 196 4.37 -7.82 5.74
N THR B 197 3.09 -8.14 5.67
CA THR B 197 2.61 -9.44 6.18
C THR B 197 3.13 -10.62 5.34
N GLY B 198 3.21 -10.44 4.02
CA GLY B 198 3.84 -11.44 3.15
C GLY B 198 5.33 -11.61 3.48
N PHE B 199 6.02 -10.50 3.70
CA PHE B 199 7.41 -10.51 4.14
C PHE B 199 7.59 -11.29 5.46
N LEU B 200 6.77 -10.99 6.45
CA LEU B 200 6.84 -11.66 7.76
C LEU B 200 6.46 -13.15 7.69
N ALA B 201 5.56 -13.50 6.77
CA ALA B 201 5.25 -14.91 6.52
C ALA B 201 6.49 -15.64 5.96
N ILE B 202 7.13 -15.06 4.96
CA ILE B 202 8.30 -15.64 4.31
C ILE B 202 9.47 -15.80 5.29
N THR B 203 9.66 -14.82 6.18
CA THR B 203 10.77 -14.82 7.12
C THR B 203 10.43 -15.46 8.49
N SER B 204 9.25 -16.05 8.61
CA SER B 204 8.80 -16.76 9.83
C SER B 204 8.65 -15.88 11.07
N GLN B 205 8.11 -14.67 10.87
CA GLN B 205 7.98 -13.68 11.95
C GLN B 205 6.53 -13.21 12.20
N LEU B 206 5.53 -14.00 11.84
CA LEU B 206 4.12 -13.57 12.05
C LEU B 206 3.70 -13.42 13.54
N HIS B 207 4.42 -14.07 14.43
CA HIS B 207 4.16 -13.89 15.85
C HIS B 207 4.43 -12.43 16.29
N GLN B 208 5.14 -11.63 15.48
CA GLN B 208 5.38 -10.22 15.82
C GLN B 208 4.30 -9.24 15.36
N VAL B 209 3.34 -9.73 14.58
CA VAL B 209 2.18 -8.93 14.18
C VAL B 209 1.15 -8.94 15.31
N ASN B 210 0.52 -7.80 15.58
CA ASN B 210 -0.64 -7.77 16.46
C ASN B 210 -1.87 -8.12 15.63
N SER B 211 -2.13 -9.41 15.51
CA SER B 211 -3.12 -9.90 14.55
C SER B 211 -4.55 -9.42 14.85
N ASP B 212 -4.91 -9.33 16.13
CA ASP B 212 -6.26 -8.86 16.47
C ASP B 212 -6.44 -7.39 16.12
N LEU B 213 -5.41 -6.57 16.38
CA LEU B 213 -5.48 -5.15 16.07
C LEU B 213 -5.43 -4.88 14.56
N LEU B 214 -4.42 -5.44 13.89
CA LEU B 214 -4.32 -5.27 12.43
C LEU B 214 -5.54 -5.87 11.73
N GLY B 215 -5.98 -7.04 12.19
CA GLY B 215 -7.15 -7.69 11.63
C GLY B 215 -8.39 -6.84 11.74
N TRP B 216 -8.52 -6.08 12.84
CA TRP B 216 -9.65 -5.16 12.98
C TRP B 216 -9.55 -4.01 11.96
N TRP B 217 -8.38 -3.41 11.85
CA TRP B 217 -8.18 -2.33 10.86
C TRP B 217 -8.52 -2.81 9.44
N LEU B 218 -8.12 -4.05 9.12
CA LEU B 218 -8.37 -4.62 7.81
C LEU B 218 -9.85 -4.90 7.53
N CYS B 219 -10.56 -5.49 8.50
CA CYS B 219 -11.97 -5.78 8.28
C CYS B 219 -12.84 -4.52 8.25
N GLU B 220 -12.36 -3.42 8.85
CA GLU B 220 -13.05 -2.15 8.76
C GLU B 220 -12.89 -1.48 7.37
N ARG B 221 -12.05 -2.05 6.51
CA ARG B 221 -11.99 -1.63 5.10
C ARG B 221 -13.25 -1.98 4.31
N GLN B 222 -14.10 -2.89 4.81
CA GLN B 222 -15.29 -3.30 4.06
C GLN B 222 -16.42 -2.27 4.19
N LEU B 223 -16.90 -1.82 3.03
CA LEU B 223 -17.95 -0.81 2.94
C LEU B 223 -19.31 -1.46 2.70
N PRO B 224 -20.41 -0.69 2.90
CA PRO B 224 -21.75 -1.29 2.73
C PRO B 224 -21.99 -1.95 1.36
N SER B 225 -21.39 -1.42 0.30
CA SER B 225 -21.41 -2.07 -1.03
C SER B 225 -20.83 -3.48 -1.01
N GLY B 226 -20.01 -3.79 -0.01
CA GLY B 226 -19.35 -5.07 0.11
C GLY B 226 -17.89 -5.01 -0.34
N GLY B 227 -17.52 -3.95 -1.06
CA GLY B 227 -16.14 -3.76 -1.50
C GLY B 227 -15.22 -3.25 -0.39
N LEU B 228 -13.92 -3.44 -0.57
CA LEU B 228 -12.93 -3.02 0.40
C LEU B 228 -12.09 -1.84 -0.12
N ASN B 229 -11.86 -0.85 0.74
CA ASN B 229 -10.94 0.24 0.38
C ASN B 229 -9.56 -0.05 0.92
N GLY B 230 -8.60 0.83 0.57
CA GLY B 230 -7.20 0.59 0.90
C GLY B 230 -6.74 1.35 2.13
N ARG B 231 -7.58 2.30 2.57
CA ARG B 231 -7.42 2.97 3.84
C ARG B 231 -8.68 3.75 4.17
N PRO B 232 -8.79 4.23 5.42
CA PRO B 232 -10.02 4.88 5.85
C PRO B 232 -10.46 6.03 4.96
N GLU B 233 -11.77 6.10 4.72
CA GLU B 233 -12.43 7.21 4.05
C GLU B 233 -12.16 7.30 2.55
N LYS B 234 -11.80 6.18 1.92
CA LYS B 234 -11.57 6.12 0.48
C LYS B 234 -12.56 5.19 -0.21
N LEU B 235 -12.61 5.26 -1.55
CA LEU B 235 -13.53 4.43 -2.33
C LEU B 235 -13.04 2.99 -2.39
N PRO B 236 -13.97 2.03 -2.52
CA PRO B 236 -13.55 0.65 -2.70
C PRO B 236 -12.94 0.39 -4.08
N ASP B 237 -12.12 -0.65 -4.16
CA ASP B 237 -11.39 -1.00 -5.39
C ASP B 237 -11.06 -2.50 -5.31
N VAL B 238 -11.18 -3.18 -6.45
CA VAL B 238 -10.86 -4.62 -6.54
C VAL B 238 -9.44 -4.95 -6.12
N CYS B 239 -8.49 -4.07 -6.42
CA CYS B 239 -7.08 -4.34 -6.10
C CYS B 239 -6.82 -4.29 -4.58
N TYR B 240 -7.15 -3.17 -3.94
CA TYR B 240 -7.07 -3.03 -2.47
C TYR B 240 -7.79 -4.19 -1.81
N SER B 241 -8.92 -4.56 -2.40
CA SER B 241 -9.70 -5.67 -1.86
C SER B 241 -8.88 -6.95 -1.79
N TRP B 242 -8.16 -7.32 -2.85
CA TRP B 242 -7.25 -8.49 -2.80
C TRP B 242 -6.13 -8.32 -1.74
N TRP B 243 -5.52 -7.15 -1.69
CA TRP B 243 -4.46 -6.89 -0.71
C TRP B 243 -4.96 -7.08 0.73
N VAL B 244 -6.19 -6.64 1.00
CA VAL B 244 -6.79 -6.78 2.32
C VAL B 244 -7.09 -8.26 2.64
N LEU B 245 -7.68 -8.96 1.68
CA LEU B 245 -8.07 -10.35 1.86
C LEU B 245 -6.87 -11.25 2.07
N ALA B 246 -5.84 -11.05 1.27
CA ALA B 246 -4.63 -11.84 1.40
C ALA B 246 -3.96 -11.62 2.76
N SER B 247 -3.90 -10.37 3.20
CA SER B 247 -3.34 -10.02 4.50
C SER B 247 -4.13 -10.69 5.63
N LEU B 248 -5.46 -10.59 5.58
CA LEU B 248 -6.31 -11.27 6.55
C LEU B 248 -6.06 -12.77 6.57
N LYS B 249 -5.97 -13.39 5.40
CA LYS B 249 -5.69 -14.82 5.32
C LYS B 249 -4.34 -15.19 5.95
N ILE B 250 -3.32 -14.39 5.68
CA ILE B 250 -1.98 -14.61 6.27
C ILE B 250 -2.02 -14.59 7.81
N ILE B 251 -2.86 -13.73 8.38
CA ILE B 251 -2.93 -13.60 9.84
C ILE B 251 -4.10 -14.37 10.44
N GLY B 252 -4.70 -15.26 9.65
CA GLY B 252 -5.72 -16.20 10.14
C GLY B 252 -7.06 -15.61 10.49
N ARG B 253 -7.44 -14.51 9.83
CA ARG B 253 -8.67 -13.79 10.17
C ARG B 253 -9.51 -13.40 8.93
N LEU B 254 -9.42 -14.23 7.89
CA LEU B 254 -10.22 -14.03 6.68
C LEU B 254 -11.74 -13.98 6.96
N HIS B 255 -12.18 -14.69 8.00
CA HIS B 255 -13.59 -14.71 8.39
C HIS B 255 -14.13 -13.40 8.97
N TRP B 256 -13.25 -12.43 9.24
CA TRP B 256 -13.68 -11.16 9.80
C TRP B 256 -14.35 -10.21 8.81
N ILE B 257 -14.35 -10.55 7.52
CA ILE B 257 -15.17 -9.79 6.55
C ILE B 257 -16.35 -10.63 6.06
N ASP B 258 -17.34 -9.94 5.49
CA ASP B 258 -18.54 -10.58 4.97
C ASP B 258 -18.23 -11.10 3.57
N ARG B 259 -18.05 -12.42 3.47
CA ARG B 259 -17.55 -13.03 2.25
C ARG B 259 -18.54 -12.96 1.09
N GLU B 260 -19.83 -13.15 1.36
CA GLU B 260 -20.84 -13.07 0.30
C GLU B 260 -20.98 -11.65 -0.25
N LYS B 261 -20.97 -10.65 0.61
CA LYS B 261 -21.06 -9.26 0.15
C LYS B 261 -19.85 -8.85 -0.70
N LEU B 262 -18.66 -9.29 -0.32
CA LEU B 262 -17.45 -8.99 -1.13
C LEU B 262 -17.51 -9.74 -2.44
N ARG B 263 -17.94 -11.00 -2.41
CA ARG B 263 -18.07 -11.77 -3.64
C ARG B 263 -18.95 -11.00 -4.64
N SER B 264 -20.09 -10.48 -4.18
CA SER B 264 -21.01 -9.74 -5.06
C SER B 264 -20.41 -8.45 -5.62
N PHE B 265 -19.62 -7.75 -4.80
CA PHE B 265 -18.90 -6.57 -5.27
C PHE B 265 -17.90 -6.91 -6.38
N ILE B 266 -17.13 -7.97 -6.18
CA ILE B 266 -16.13 -8.37 -7.17
C ILE B 266 -16.78 -8.76 -8.50
N LEU B 267 -17.88 -9.52 -8.43
CA LEU B 267 -18.59 -9.93 -9.64
C LEU B 267 -19.17 -8.72 -10.40
N ALA B 268 -19.62 -7.71 -9.66
CA ALA B 268 -20.16 -6.50 -10.25
C ALA B 268 -19.12 -5.67 -11.01
N CYS B 269 -17.83 -5.91 -10.77
CA CYS B 269 -16.75 -5.20 -11.45
C CYS B 269 -16.37 -5.80 -12.81
N GLN B 270 -16.95 -6.95 -13.15
CA GLN B 270 -16.72 -7.59 -14.44
C GLN B 270 -17.35 -6.75 -15.56
N ASP B 271 -16.69 -6.71 -16.72
CA ASP B 271 -17.31 -6.16 -17.93
C ASP B 271 -17.84 -7.33 -18.74
N GLU B 272 -19.16 -7.48 -18.78
CA GLU B 272 -19.80 -8.60 -19.45
C GLU B 272 -19.69 -8.61 -20.99
N GLU B 273 -19.33 -7.47 -21.60
CA GLU B 273 -19.16 -7.41 -23.06
C GLU B 273 -17.74 -7.82 -23.46
N THR B 274 -16.76 -7.19 -22.85
CA THR B 274 -15.36 -7.37 -23.23
C THR B 274 -14.62 -8.41 -22.39
N GLY B 275 -15.16 -8.73 -21.21
CA GLY B 275 -14.41 -9.50 -20.23
C GLY B 275 -13.45 -8.55 -19.51
N GLY B 276 -12.73 -9.09 -18.53
CA GLY B 276 -11.89 -8.27 -17.65
C GLY B 276 -12.65 -7.79 -16.43
N PHE B 277 -11.90 -7.35 -15.43
CA PHE B 277 -12.45 -6.67 -14.26
C PHE B 277 -11.88 -5.25 -14.24
N ALA B 278 -12.69 -4.29 -13.78
CA ALA B 278 -12.26 -2.93 -13.58
C ALA B 278 -12.08 -2.69 -12.07
N ASP B 279 -11.54 -1.54 -11.70
CA ASP B 279 -11.37 -1.19 -10.29
C ASP B 279 -12.71 -1.11 -9.57
N ARG B 280 -13.73 -0.58 -10.25
CA ARG B 280 -15.08 -0.51 -9.70
C ARG B 280 -16.12 -0.69 -10.80
N PRO B 281 -17.37 -1.08 -10.44
CA PRO B 281 -18.36 -1.37 -11.47
C PRO B 281 -18.49 -0.21 -12.44
N GLY B 282 -18.67 -0.53 -13.72
CA GLY B 282 -18.86 0.47 -14.77
C GLY B 282 -17.59 1.03 -15.37
N ASP B 283 -16.43 0.79 -14.75
CA ASP B 283 -15.18 1.35 -15.24
C ASP B 283 -14.57 0.45 -16.30
N MET B 284 -13.53 0.97 -16.95
CA MET B 284 -12.87 0.21 -18.00
C MET B 284 -11.90 -0.78 -17.36
N VAL B 285 -11.89 -1.99 -17.90
CA VAL B 285 -11.12 -3.09 -17.34
C VAL B 285 -9.64 -2.97 -17.68
N ASP B 286 -8.81 -3.68 -16.92
CA ASP B 286 -7.38 -3.83 -17.23
C ASP B 286 -6.91 -5.17 -16.62
N PRO B 287 -5.76 -5.69 -17.08
CA PRO B 287 -5.21 -6.97 -16.60
C PRO B 287 -4.88 -7.01 -15.10
N PHE B 288 -4.42 -5.88 -14.56
CA PHE B 288 -4.06 -5.73 -13.15
C PHE B 288 -5.29 -6.04 -12.27
N HIS B 289 -6.40 -5.35 -12.52
CA HIS B 289 -7.63 -5.59 -11.77
C HIS B 289 -8.29 -6.93 -12.10
N THR B 290 -8.02 -7.45 -13.29
CA THR B 290 -8.50 -8.77 -13.67
C THR B 290 -7.85 -9.88 -12.84
N LEU B 291 -6.53 -9.83 -12.64
CA LEU B 291 -5.88 -10.80 -11.75
C LEU B 291 -6.43 -10.72 -10.33
N PHE B 292 -6.50 -9.50 -9.80
CA PHE B 292 -6.88 -9.33 -8.40
C PHE B 292 -8.34 -9.70 -8.13
N GLY B 293 -9.21 -9.48 -9.12
CA GLY B 293 -10.61 -9.95 -9.03
C GLY B 293 -10.68 -11.47 -8.94
N ILE B 294 -9.98 -12.14 -9.85
CA ILE B 294 -9.97 -13.61 -9.91
C ILE B 294 -9.30 -14.20 -8.66
N ALA B 295 -8.19 -13.60 -8.25
CA ALA B 295 -7.44 -14.07 -7.08
C ALA B 295 -8.23 -13.92 -5.79
N GLY B 296 -8.94 -12.79 -5.66
CA GLY B 296 -9.85 -12.57 -4.55
C GLY B 296 -10.96 -13.60 -4.43
N LEU B 297 -11.59 -13.90 -5.57
CA LEU B 297 -12.64 -14.92 -5.63
C LEU B 297 -12.12 -16.30 -5.22
N SER B 298 -10.89 -16.62 -5.62
CA SER B 298 -10.25 -17.86 -5.23
C SER B 298 -10.08 -17.95 -3.71
N LEU B 299 -9.54 -16.88 -3.11
CA LEU B 299 -9.39 -16.85 -1.66
C LEU B 299 -10.73 -17.03 -0.93
N LEU B 300 -11.79 -16.52 -1.54
CA LEU B 300 -13.14 -16.65 -0.98
C LEU B 300 -13.77 -18.04 -1.23
N GLY B 301 -13.09 -18.87 -2.01
CA GLY B 301 -13.42 -20.29 -2.17
C GLY B 301 -14.22 -20.64 -3.42
N GLU B 302 -14.01 -19.88 -4.50
CA GLU B 302 -14.72 -20.14 -5.76
C GLU B 302 -14.20 -21.43 -6.41
N GLU B 303 -15.12 -22.36 -6.67
CA GLU B 303 -14.78 -23.72 -7.11
C GLU B 303 -14.12 -23.81 -8.50
N GLN B 304 -14.50 -22.92 -9.40
CA GLN B 304 -13.98 -22.92 -10.78
C GLN B 304 -12.55 -22.37 -10.92
N ILE B 305 -12.00 -21.80 -9.85
CA ILE B 305 -10.67 -21.17 -9.87
C ILE B 305 -9.73 -21.96 -8.94
N LYS B 306 -8.47 -22.11 -9.36
CA LYS B 306 -7.49 -22.83 -8.55
C LYS B 306 -7.20 -22.06 -7.26
N PRO B 307 -6.86 -22.78 -6.18
CA PRO B 307 -6.41 -22.10 -4.97
C PRO B 307 -5.18 -21.22 -5.21
N VAL B 308 -5.18 -20.04 -4.60
CA VAL B 308 -4.13 -19.05 -4.81
C VAL B 308 -3.37 -18.85 -3.48
N SER B 309 -2.05 -18.71 -3.57
CA SER B 309 -1.25 -18.38 -2.39
C SER B 309 -1.49 -16.91 -2.00
N PRO B 310 -1.88 -16.67 -0.74
CA PRO B 310 -2.02 -15.27 -0.30
C PRO B 310 -0.69 -14.54 -0.14
N VAL B 311 0.41 -15.28 -0.05
CA VAL B 311 1.74 -14.65 0.05
C VAL B 311 2.28 -14.25 -1.34
N PHE B 312 2.28 -15.19 -2.29
CA PHE B 312 2.94 -15.00 -3.60
C PHE B 312 2.00 -14.60 -4.74
N CYS B 313 0.69 -14.70 -4.53
CA CYS B 313 -0.31 -14.45 -5.58
C CYS B 313 0.02 -15.26 -6.85
N MET B 314 0.17 -16.56 -6.64
CA MET B 314 0.41 -17.55 -7.69
C MET B 314 -0.39 -18.78 -7.29
N PRO B 315 -0.69 -19.68 -8.24
CA PRO B 315 -1.41 -20.90 -7.84
C PRO B 315 -0.65 -21.71 -6.78
N GLU B 316 -1.34 -22.14 -5.73
CA GLU B 316 -0.72 -22.93 -4.66
C GLU B 316 0.02 -24.15 -5.19
N GLU B 317 -0.56 -24.79 -6.20
CA GLU B 317 0.04 -25.98 -6.81
C GLU B 317 1.44 -25.72 -7.36
N VAL B 318 1.66 -24.51 -7.87
CA VAL B 318 3.01 -24.13 -8.32
C VAL B 318 3.97 -24.05 -7.14
N LEU B 319 3.55 -23.40 -6.06
CA LEU B 319 4.40 -23.26 -4.88
C LEU B 319 4.65 -24.61 -4.18
N GLN B 320 3.64 -25.46 -4.12
CA GLN B 320 3.79 -26.82 -3.61
C GLN B 320 4.90 -27.55 -4.37
N ARG B 321 4.90 -27.41 -5.70
CA ARG B 321 5.87 -28.05 -6.57
C ARG B 321 7.30 -27.70 -6.17
N VAL B 322 7.55 -26.42 -5.85
CA VAL B 322 8.90 -25.97 -5.49
C VAL B 322 9.14 -25.94 -3.97
N ASN B 323 8.19 -26.48 -3.20
CA ASN B 323 8.29 -26.55 -1.75
C ASN B 323 8.55 -25.21 -1.06
N VAL B 324 7.80 -24.20 -1.46
CA VAL B 324 7.87 -22.87 -0.82
C VAL B 324 6.48 -22.49 -0.35
N GLN B 325 6.12 -22.90 0.86
CA GLN B 325 4.80 -22.64 1.41
C GLN B 325 4.89 -22.20 2.87
N PRO B 326 5.14 -20.90 3.09
CA PRO B 326 5.20 -20.32 4.44
C PRO B 326 4.00 -20.67 5.30
N GLU B 327 4.26 -21.02 6.55
CA GLU B 327 3.21 -21.22 7.54
C GLU B 327 2.48 -19.90 7.75
N LEU B 328 1.17 -19.94 7.86
CA LEU B 328 0.39 -18.75 8.18
C LEU B 328 -0.08 -18.87 9.63
N VAL B 329 -0.73 -17.82 10.13
CA VAL B 329 -1.50 -17.92 11.36
C VAL B 329 -2.85 -18.55 10.98
N SER B 330 -2.78 -19.60 10.16
CA SER B 330 -3.83 -19.98 9.21
C SER B 330 -4.41 -18.76 8.50
ZN ZN C . -7.11 -0.67 -8.09
CA CA D . 0.74 -21.83 -25.83
CAA 7TR E . 1.42 -4.38 -3.48
CAW 7TR E . 1.96 -5.28 -4.60
NBP 7TR E . 3.17 -4.66 -5.16
CAX 7TR E . 4.47 -5.06 -4.59
CAB 7TR E . 4.79 -6.49 -5.02
CBF 7TR E . 3.10 -3.78 -6.16
OAF 7TR E . 4.09 -3.25 -6.63
OBE 7TR E . 1.86 -3.46 -6.66
CBJ 7TR E . 1.67 -2.23 -7.20
CAN 7TR E . 0.89 -1.30 -6.54
CAL 7TR E . 0.67 -0.04 -7.09
CAM 7TR E . 2.24 -1.90 -8.44
CAK 7TR E . 2.03 -0.64 -8.99
CBH 7TR E . 1.25 0.29 -8.32
CAY 7TR E . 0.99 1.68 -8.92
CBO 7TR E . 0.05 1.59 -10.13
CBB 7TR E . -1.32 1.00 -9.74
NBQ 7TR E . -2.27 1.23 -10.83
CBA 7TR E . -3.18 2.37 -10.71
CBM 7TR E . -4.43 1.96 -9.89
CAT 7TR E . -4.71 0.76 -9.38
NBC 7TR E . -5.90 0.85 -8.76
CAU 7TR E . -6.36 2.09 -8.89
NBS 7TR E . -5.45 2.75 -9.60
CAD 7TR E . -5.54 4.19 -9.98
CBN 7TR E . -2.32 0.44 -11.89
CAS 7TR E . -3.54 0.42 -12.59
CAJ 7TR E . -3.68 -0.39 -13.72
CBG 7TR E . -2.62 -1.18 -14.15
CAI 7TR E . -2.73 -2.03 -15.30
NAE 7TR E . -2.80 -2.70 -16.21
CAV 7TR E . -1.41 -1.16 -13.45
CBK 7TR E . -1.26 -0.34 -12.33
CAZ 7TR E . 0.12 -0.45 -11.69
NBR 7TR E . 0.75 0.83 -11.21
SBT 7TR E . 1.29 1.88 -12.42
OAG 7TR E . 2.09 2.98 -11.81
OAH 7TR E . 2.17 1.13 -13.35
CBL 7TR E . -0.04 2.59 -13.32
CAQ 7TR E . -0.49 1.96 -14.48
CAO 7TR E . -1.54 2.50 -15.21
CBI 7TR E . -2.15 3.68 -14.78
OBD 7TR E . -3.18 4.23 -15.50
CAC 7TR E . -4.16 3.24 -15.86
CAP 7TR E . -1.69 4.31 -13.63
CAR 7TR E . -0.64 3.77 -12.90
#